data_4LE5
#
_entry.id   4LE5
#
_cell.length_a   61.655
_cell.length_b   113.075
_cell.length_c   62.179
_cell.angle_alpha   90.00
_cell.angle_beta   116.49
_cell.angle_gamma   90.00
#
_symmetry.space_group_name_H-M   'P 1 21 1'
#
loop_
_entity.id
_entity.type
_entity.pdbx_description
1 polymer 'S-adenosylmethionine synthetase'
2 water water
#
_entity_poly.entity_id   1
_entity_poly.type   'polypeptide(L)'
_entity_poly.pdbx_seq_one_letter_code
;MYLFTSEVVSAGHPDKCADIIADTIVDILLKNDKNSRVASEVFVAGNKVVIGGEVKSNHKLSKADYDNLVKDVLKNIGYD
GAGHFSKEQCLHPDEVDVMVFLNEQSPDINQGVDQEDGETGAGDQGIMFGFASCEAEEYMPAAISYARMLCDRVYAYAKA
NPHELGVDIKTQVTIDYGTKANFENCKPQSIHTIVVSAPCVESMKIEDLRSLVMKLILDSNLPKELFDPNKTRILINPTG
KYVNHSSLHDSGLTGRKLIVDSFGGYSPIGGGAQSSKDYTKVDRSGLYAGRWLAKNIVAAGLAKKCIVQLSYAIGVAKPT
SVSVDCMGTNTSVNDDVLSDFVMQNFSLTPNWIRDKFHLDKPSKETFLYADVAARGQVGQKDYPWEKLDALEQFKKLLKG
ELNSKLEGKPIPNPLLGLDSTRTGHHHHHH
;
_entity_poly.pdbx_strand_id   A,B
#
# COMPACT_ATOMS: atom_id res chain seq x y z
N MET A 1 22.35 9.35 14.75
CA MET A 1 21.58 10.54 15.20
C MET A 1 20.41 10.87 14.27
N TYR A 2 20.39 10.32 13.06
CA TYR A 2 19.17 10.37 12.23
C TYR A 2 19.02 9.08 11.41
N LEU A 3 18.20 8.17 11.92
CA LEU A 3 18.08 6.81 11.38
C LEU A 3 17.00 6.70 10.31
N PHE A 4 17.22 5.82 9.32
CA PHE A 4 16.17 5.40 8.39
C PHE A 4 16.40 3.97 7.93
N THR A 5 15.30 3.24 7.78
CA THR A 5 15.33 1.82 7.54
C THR A 5 14.39 1.43 6.41
N SER A 6 14.86 0.56 5.52
CA SER A 6 14.00 -0.09 4.54
C SER A 6 14.21 -1.60 4.63
N GLU A 7 13.24 -2.34 4.10
CA GLU A 7 13.25 -3.80 4.09
C GLU A 7 12.95 -4.33 2.70
N VAL A 8 13.53 -5.47 2.34
CA VAL A 8 13.16 -6.19 1.12
C VAL A 8 12.94 -7.67 1.48
N VAL A 9 12.05 -8.34 0.76
CA VAL A 9 11.87 -9.79 0.89
C VAL A 9 12.15 -10.45 -0.46
N SER A 10 12.53 -11.72 -0.43
CA SER A 10 12.82 -12.44 -1.66
C SER A 10 11.56 -12.93 -2.38
N ALA A 11 11.76 -13.47 -3.57
CA ALA A 11 10.70 -14.10 -4.36
C ALA A 11 10.04 -15.28 -3.62
N GLY A 12 10.77 -15.89 -2.69
CA GLY A 12 10.24 -16.99 -1.88
C GLY A 12 9.25 -16.57 -0.80
N HIS A 13 9.17 -15.27 -0.51
CA HIS A 13 8.17 -14.75 0.45
C HIS A 13 6.73 -14.98 -0.05
N PRO A 14 5.80 -15.39 0.84
CA PRO A 14 4.47 -15.77 0.34
C PRO A 14 3.78 -14.67 -0.49
N ASP A 15 3.89 -13.42 -0.05
CA ASP A 15 3.28 -12.30 -0.81
C ASP A 15 3.89 -12.20 -2.22
N LYS A 16 5.21 -12.42 -2.32
CA LYS A 16 5.87 -12.39 -3.63
C LYS A 16 5.54 -13.60 -4.51
N CYS A 17 5.38 -14.78 -3.92
CA CYS A 17 4.87 -15.94 -4.68
C CYS A 17 3.53 -15.60 -5.32
N ALA A 18 2.66 -14.95 -4.56
CA ALA A 18 1.35 -14.56 -5.09
C ALA A 18 1.49 -13.56 -6.24
N ASP A 19 2.32 -12.55 -6.04
CA ASP A 19 2.60 -11.53 -7.06
C ASP A 19 3.14 -12.17 -8.33
N ILE A 20 4.10 -13.09 -8.17
CA ILE A 20 4.79 -13.68 -9.31
C ILE A 20 3.90 -14.64 -10.09
N ILE A 21 3.07 -15.41 -9.38
CA ILE A 21 2.05 -16.24 -10.01
C ILE A 21 1.11 -15.34 -10.83
N ALA A 22 0.66 -14.25 -10.24
CA ALA A 22 -0.35 -13.41 -10.85
C ALA A 22 0.18 -12.78 -12.13
N ASP A 23 1.42 -12.31 -12.07
CA ASP A 23 2.07 -11.68 -13.21
C ASP A 23 2.58 -12.71 -14.26
N THR A 24 2.67 -13.99 -13.89
CA THR A 24 2.97 -15.03 -14.86
C THR A 24 1.76 -15.25 -15.77
N ILE A 25 0.57 -15.07 -15.20
CA ILE A 25 -0.70 -15.14 -15.94
C ILE A 25 -0.81 -13.93 -16.87
N VAL A 26 -0.50 -12.74 -16.36
CA VAL A 26 -0.47 -11.53 -17.17
C VAL A 26 0.45 -11.76 -18.39
N ASP A 27 1.63 -12.33 -18.13
CA ASP A 27 2.64 -12.54 -19.19
C ASP A 27 2.15 -13.44 -20.32
N ILE A 28 1.54 -14.56 -19.96
CA ILE A 28 1.15 -15.55 -20.98
C ILE A 28 -0.07 -15.08 -21.77
N LEU A 29 -0.97 -14.35 -21.14
CA LEU A 29 -2.12 -13.76 -21.82
C LEU A 29 -1.69 -12.65 -22.80
N LEU A 30 -0.91 -11.69 -22.30
CA LEU A 30 -0.39 -10.63 -23.14
C LEU A 30 0.54 -11.13 -24.26
N LYS A 31 1.38 -12.12 -23.96
CA LYS A 31 2.23 -12.74 -24.98
C LYS A 31 1.43 -13.16 -26.24
N ASN A 32 0.26 -13.76 -26.03
CA ASN A 32 -0.58 -14.32 -27.09
C ASN A 32 -1.73 -13.43 -27.56
N ASP A 33 -2.16 -12.49 -26.71
CA ASP A 33 -3.18 -11.48 -27.07
C ASP A 33 -2.80 -10.20 -26.35
N LYS A 34 -2.24 -9.25 -27.09
CA LYS A 34 -1.75 -8.00 -26.52
C LYS A 34 -2.85 -7.05 -26.01
N ASN A 35 -4.11 -7.30 -26.37
CA ASN A 35 -5.24 -6.52 -25.85
C ASN A 35 -5.96 -7.20 -24.68
N SER A 36 -5.38 -8.28 -24.16
CA SER A 36 -5.91 -8.94 -22.98
C SER A 36 -6.09 -7.97 -21.81
N ARG A 37 -7.22 -8.11 -21.11
CA ARG A 37 -7.50 -7.34 -19.91
C ARG A 37 -7.47 -8.30 -18.73
N VAL A 38 -6.57 -8.04 -17.78
CA VAL A 38 -6.25 -9.02 -16.74
C VAL A 38 -6.29 -8.37 -15.36
N ALA A 39 -7.02 -9.01 -14.45
CA ALA A 39 -7.07 -8.64 -13.03
C ALA A 39 -7.05 -9.95 -12.20
N SER A 40 -5.99 -10.73 -12.39
CA SER A 40 -5.91 -12.09 -11.82
C SER A 40 -5.20 -12.15 -10.46
N GLU A 41 -5.99 -11.90 -9.41
CA GLU A 41 -5.47 -11.88 -8.03
C GLU A 41 -5.18 -13.27 -7.50
N VAL A 42 -4.23 -13.36 -6.57
CA VAL A 42 -3.80 -14.65 -6.04
C VAL A 42 -3.69 -14.59 -4.51
N PHE A 43 -4.19 -15.66 -3.91
CA PHE A 43 -4.07 -15.92 -2.49
C PHE A 43 -3.41 -17.28 -2.33
N VAL A 44 -2.37 -17.33 -1.52
CA VAL A 44 -1.65 -18.56 -1.23
C VAL A 44 -1.64 -18.78 0.26
N ALA A 45 -1.97 -19.99 0.67
CA ALA A 45 -1.87 -20.36 2.09
C ALA A 45 -1.85 -21.87 2.24
N GLY A 46 -1.01 -22.35 3.15
CA GLY A 46 -0.88 -23.78 3.35
C GLY A 46 -0.48 -24.42 2.05
N ASN A 47 -1.19 -25.48 1.67
CA ASN A 47 -0.97 -26.12 0.38
C ASN A 47 -1.99 -25.70 -0.67
N LYS A 48 -2.54 -24.48 -0.52
CA LYS A 48 -3.58 -24.01 -1.43
C LYS A 48 -3.07 -22.81 -2.20
N VAL A 49 -3.45 -22.76 -3.47
CA VAL A 49 -3.32 -21.55 -4.28
C VAL A 49 -4.69 -21.24 -4.83
N VAL A 50 -5.23 -20.04 -4.56
CA VAL A 50 -6.51 -19.61 -5.14
C VAL A 50 -6.29 -18.44 -6.10
N ILE A 51 -6.78 -18.61 -7.33
CA ILE A 51 -6.77 -17.55 -8.33
C ILE A 51 -8.19 -17.01 -8.53
N GLY A 52 -8.37 -15.70 -8.36
CA GLY A 52 -9.66 -15.07 -8.60
C GLY A 52 -9.49 -13.79 -9.37
N GLY A 53 -10.59 -13.06 -9.54
CA GLY A 53 -10.55 -11.85 -10.29
C GLY A 53 -11.23 -12.03 -11.63
N GLU A 54 -10.77 -11.25 -12.58
CA GLU A 54 -11.42 -11.15 -13.88
C GLU A 54 -10.39 -11.29 -14.98
N VAL A 55 -10.77 -11.95 -16.07
CA VAL A 55 -9.87 -12.07 -17.22
C VAL A 55 -10.67 -11.97 -18.53
N LYS A 56 -10.10 -11.27 -19.51
CA LYS A 56 -10.68 -11.19 -20.86
C LYS A 56 -9.56 -11.26 -21.89
N SER A 57 -9.53 -12.36 -22.64
CA SER A 57 -8.42 -12.65 -23.53
C SER A 57 -8.88 -13.60 -24.63
N ASN A 58 -8.24 -13.51 -25.80
CA ASN A 58 -8.46 -14.47 -26.88
C ASN A 58 -7.64 -15.74 -26.66
N HIS A 59 -6.57 -15.65 -25.86
CA HIS A 59 -5.85 -16.86 -25.49
C HIS A 59 -6.60 -17.50 -24.33
N LYS A 60 -7.09 -18.71 -24.57
CA LYS A 60 -7.87 -19.44 -23.59
C LYS A 60 -6.93 -20.28 -22.74
N LEU A 61 -7.22 -20.37 -21.46
CA LEU A 61 -6.35 -21.04 -20.51
C LEU A 61 -7.18 -22.07 -19.74
N SER A 62 -6.80 -23.34 -19.83
CA SER A 62 -7.53 -24.42 -19.16
C SER A 62 -7.14 -24.55 -17.70
N LYS A 63 -7.94 -25.29 -16.93
CA LYS A 63 -7.64 -25.55 -15.52
C LYS A 63 -6.31 -26.26 -15.36
N ALA A 64 -6.04 -27.23 -16.24
CA ALA A 64 -4.73 -27.88 -16.30
C ALA A 64 -3.62 -26.87 -16.55
N ASP A 65 -3.85 -25.93 -17.48
CA ASP A 65 -2.87 -24.88 -17.76
C ASP A 65 -2.56 -24.01 -16.55
N TYR A 66 -3.60 -23.66 -15.80
CA TYR A 66 -3.43 -22.86 -14.58
C TYR A 66 -2.67 -23.67 -13.54
N ASP A 67 -3.00 -24.96 -13.39
CA ASP A 67 -2.28 -25.85 -12.47
C ASP A 67 -0.80 -25.91 -12.80
N ASN A 68 -0.50 -26.16 -14.07
CA ASN A 68 0.88 -26.29 -14.52
C ASN A 68 1.65 -24.99 -14.40
N LEU A 69 0.99 -23.88 -14.73
CA LEU A 69 1.57 -22.55 -14.50
C LEU A 69 2.00 -22.37 -13.05
N VAL A 70 1.08 -22.66 -12.12
CA VAL A 70 1.36 -22.51 -10.69
C VAL A 70 2.58 -23.34 -10.26
N LYS A 71 2.59 -24.62 -10.61
CA LYS A 71 3.73 -25.49 -10.25
C LYS A 71 5.04 -25.02 -10.88
N ASP A 72 5.01 -24.65 -12.15
CA ASP A 72 6.20 -24.14 -12.84
C ASP A 72 6.75 -22.88 -12.14
N VAL A 73 5.86 -21.94 -11.79
CA VAL A 73 6.28 -20.72 -11.09
C VAL A 73 6.94 -21.06 -9.75
N LEU A 74 6.31 -21.95 -8.98
CA LEU A 74 6.83 -22.33 -7.67
C LEU A 74 8.20 -22.98 -7.79
N LYS A 75 8.35 -23.87 -8.76
CA LYS A 75 9.63 -24.52 -9.07
C LYS A 75 10.75 -23.52 -9.42
N ASN A 76 10.46 -22.58 -10.31
CA ASN A 76 11.42 -21.52 -10.67
C ASN A 76 11.77 -20.57 -9.52
N ILE A 77 10.81 -20.31 -8.63
CA ILE A 77 11.09 -19.54 -7.41
C ILE A 77 12.01 -20.31 -6.45
N GLY A 78 11.95 -21.63 -6.52
CA GLY A 78 12.80 -22.50 -5.72
C GLY A 78 12.09 -23.53 -4.84
N TYR A 79 10.76 -23.52 -4.84
CA TYR A 79 9.98 -24.56 -4.18
C TYR A 79 9.72 -25.70 -5.17
N ASP A 80 10.69 -26.60 -5.28
CA ASP A 80 10.68 -27.64 -6.31
C ASP A 80 10.60 -29.07 -5.76
N GLY A 81 10.40 -29.19 -4.45
CA GLY A 81 10.23 -30.48 -3.79
C GLY A 81 11.44 -31.41 -3.88
N ALA A 82 12.64 -30.83 -3.88
CA ALA A 82 13.88 -31.61 -4.01
C ALA A 82 14.14 -32.50 -2.78
N GLY A 83 13.64 -32.09 -1.62
CA GLY A 83 13.69 -32.93 -0.41
C GLY A 83 14.64 -32.49 0.70
N HIS A 84 15.26 -31.32 0.55
CA HIS A 84 16.12 -30.76 1.59
C HIS A 84 15.27 -30.23 2.74
N PHE A 85 14.09 -29.71 2.39
CA PHE A 85 13.03 -29.44 3.34
C PHE A 85 11.86 -30.38 3.03
N SER A 86 11.18 -30.82 4.07
CA SER A 86 10.09 -31.78 3.94
C SER A 86 8.84 -31.03 3.56
N LYS A 87 7.85 -31.76 3.08
CA LYS A 87 6.58 -31.16 2.67
C LYS A 87 5.83 -30.50 3.83
N GLU A 88 6.24 -30.77 5.07
CA GLU A 88 5.69 -30.09 6.25
C GLU A 88 6.45 -28.80 6.60
N GLN A 89 7.69 -28.70 6.11
CA GLN A 89 8.58 -27.58 6.45
C GLN A 89 8.46 -26.44 5.44
N CYS A 90 8.35 -26.78 4.16
CA CYS A 90 7.98 -25.80 3.15
C CYS A 90 7.24 -26.44 2.00
N LEU A 91 6.59 -25.57 1.21
CA LEU A 91 5.74 -25.95 0.09
C LEU A 91 6.46 -26.89 -0.88
N HIS A 92 5.81 -28.03 -1.18
CA HIS A 92 6.23 -28.93 -2.26
C HIS A 92 5.17 -28.85 -3.35
N PRO A 93 5.58 -28.60 -4.60
CA PRO A 93 4.68 -28.52 -5.76
C PRO A 93 3.63 -29.64 -5.85
N ASP A 94 4.04 -30.88 -5.57
CA ASP A 94 3.17 -32.03 -5.74
C ASP A 94 2.00 -32.06 -4.75
N GLU A 95 2.07 -31.22 -3.71
CA GLU A 95 1.03 -31.17 -2.67
C GLU A 95 0.02 -30.05 -2.85
N VAL A 96 0.22 -29.14 -3.81
CA VAL A 96 -0.68 -27.96 -3.84
C VAL A 96 -1.98 -28.24 -4.60
N ASP A 97 -3.07 -27.69 -4.06
CA ASP A 97 -4.37 -27.74 -4.70
C ASP A 97 -4.57 -26.36 -5.25
N VAL A 98 -4.93 -26.26 -6.53
CA VAL A 98 -5.14 -24.97 -7.16
C VAL A 98 -6.64 -24.84 -7.39
N MET A 99 -7.16 -23.68 -7.01
CA MET A 99 -8.56 -23.31 -7.24
C MET A 99 -8.54 -22.12 -8.17
N VAL A 100 -9.43 -22.13 -9.18
CA VAL A 100 -9.58 -21.03 -10.12
C VAL A 100 -11.03 -20.52 -10.08
N PHE A 101 -11.21 -19.32 -9.53
CA PHE A 101 -12.54 -18.75 -9.36
C PHE A 101 -12.63 -17.44 -10.15
N LEU A 102 -12.29 -17.52 -11.43
CA LEU A 102 -12.22 -16.34 -12.30
C LEU A 102 -13.55 -16.04 -12.97
N ASN A 103 -13.82 -14.76 -13.20
CA ASN A 103 -15.00 -14.31 -13.94
C ASN A 103 -14.60 -13.42 -15.11
N GLU A 104 -15.59 -12.98 -15.87
CA GLU A 104 -15.35 -12.03 -16.94
C GLU A 104 -15.25 -10.62 -16.37
N GLN A 105 -14.75 -9.70 -17.20
CA GLN A 105 -14.45 -8.33 -16.80
C GLN A 105 -15.63 -7.62 -16.14
N SER A 106 -16.74 -7.48 -16.87
CA SER A 106 -17.94 -6.84 -16.36
C SER A 106 -19.11 -7.04 -17.34
N GLY A 118 -3.80 10.11 -26.68
CA GLY A 118 -4.64 8.99 -26.30
C GLY A 118 -6.11 9.29 -26.51
N GLU A 119 -6.84 8.32 -27.04
CA GLU A 119 -8.30 8.41 -27.16
C GLU A 119 -8.99 7.51 -26.13
N THR A 120 -8.38 6.37 -25.82
CA THR A 120 -8.95 5.44 -24.86
C THR A 120 -8.85 6.04 -23.45
N GLY A 121 -9.97 6.05 -22.74
CA GLY A 121 -10.01 6.56 -21.37
C GLY A 121 -9.36 5.62 -20.38
N ALA A 122 -8.92 6.15 -19.25
CA ALA A 122 -8.30 5.35 -18.18
C ALA A 122 -9.24 4.27 -17.67
N GLY A 123 -8.68 3.13 -17.28
CA GLY A 123 -9.45 1.98 -16.83
C GLY A 123 -10.05 2.13 -15.43
N ASP A 124 -9.54 3.08 -14.66
CA ASP A 124 -10.08 3.37 -13.33
C ASP A 124 -9.63 4.78 -12.98
N GLN A 125 -10.25 5.35 -11.95
CA GLN A 125 -9.68 6.52 -11.32
C GLN A 125 -8.48 6.08 -10.46
N GLY A 126 -7.72 7.06 -9.96
CA GLY A 126 -6.73 6.81 -8.91
C GLY A 126 -5.54 7.76 -8.95
N ILE A 127 -4.64 7.59 -7.96
CA ILE A 127 -3.43 8.39 -7.84
C ILE A 127 -2.21 7.48 -7.83
N MET A 128 -1.11 7.96 -8.38
CA MET A 128 0.15 7.22 -8.44
C MET A 128 1.31 8.18 -8.17
N PHE A 129 2.38 7.66 -7.55
CA PHE A 129 3.55 8.48 -7.31
C PHE A 129 4.79 7.77 -7.84
N GLY A 130 5.59 8.52 -8.59
CA GLY A 130 6.99 8.17 -8.87
C GLY A 130 7.94 8.93 -7.96
N PHE A 131 9.11 8.35 -7.71
CA PHE A 131 10.12 8.98 -6.90
C PHE A 131 11.46 8.68 -7.50
N ALA A 132 12.38 9.62 -7.34
CA ALA A 132 13.80 9.37 -7.59
C ALA A 132 14.68 10.18 -6.64
N SER A 133 15.89 9.67 -6.42
CA SER A 133 16.86 10.28 -5.53
C SER A 133 18.28 10.04 -6.06
N CYS A 134 19.17 11.02 -5.92
CA CYS A 134 20.58 10.84 -6.35
C CYS A 134 21.47 10.04 -5.37
N GLU A 135 20.87 9.37 -4.39
CA GLU A 135 21.63 8.73 -3.30
C GLU A 135 22.37 7.46 -3.70
N ALA A 136 21.76 6.62 -4.50
CA ALA A 136 22.35 5.31 -4.85
C ALA A 136 22.15 4.98 -6.32
N GLU A 137 22.66 3.83 -6.74
CA GLU A 137 22.57 3.34 -8.13
C GLU A 137 21.18 3.51 -8.72
N GLU A 138 21.14 3.96 -9.98
CA GLU A 138 19.90 4.10 -10.76
C GLU A 138 18.94 5.10 -10.12
N TYR A 139 19.49 6.12 -9.47
CA TYR A 139 18.71 7.19 -8.87
C TYR A 139 17.65 6.66 -7.89
N MET A 140 18.10 5.75 -7.01
CA MET A 140 17.26 5.17 -5.98
C MET A 140 17.74 5.63 -4.61
N PRO A 141 16.84 5.63 -3.60
CA PRO A 141 17.28 5.96 -2.25
C PRO A 141 18.13 4.82 -1.68
N ALA A 142 18.93 5.13 -0.67
CA ALA A 142 20.00 4.23 -0.22
C ALA A 142 19.51 2.97 0.52
N ALA A 143 18.63 3.12 1.51
CA ALA A 143 18.31 1.97 2.37
C ALA A 143 17.70 0.85 1.57
N ILE A 144 16.75 1.15 0.70
CA ILE A 144 16.14 0.08 -0.11
C ILE A 144 17.12 -0.50 -1.16
N SER A 145 17.97 0.36 -1.73
CA SER A 145 18.99 -0.12 -2.68
C SER A 145 19.87 -1.19 -2.07
N TYR A 146 20.38 -0.91 -0.87
CA TYR A 146 21.33 -1.81 -0.23
C TYR A 146 20.63 -3.04 0.32
N ALA A 147 19.46 -2.85 0.91
CA ALA A 147 18.57 -3.98 1.27
C ALA A 147 18.35 -4.94 0.09
N ARG A 148 18.04 -4.36 -1.07
CA ARG A 148 17.77 -5.13 -2.30
C ARG A 148 19.01 -5.91 -2.73
N MET A 149 20.14 -5.22 -2.78
CA MET A 149 21.44 -5.84 -3.11
C MET A 149 21.70 -7.07 -2.24
N LEU A 150 21.53 -6.93 -0.93
CA LEU A 150 21.77 -8.05 -0.01
C LEU A 150 20.76 -9.18 -0.20
N CYS A 151 19.48 -8.84 -0.36
CA CYS A 151 18.48 -9.86 -0.54
C CYS A 151 18.75 -10.64 -1.82
N ASP A 152 19.13 -9.95 -2.90
CA ASP A 152 19.38 -10.60 -4.19
C ASP A 152 20.50 -11.61 -4.02
N ARG A 153 21.54 -11.22 -3.29
CA ARG A 153 22.74 -12.05 -3.10
C ARG A 153 22.43 -13.31 -2.30
N VAL A 154 21.71 -13.16 -1.19
CA VAL A 154 21.35 -14.30 -0.34
C VAL A 154 20.39 -15.26 -1.05
N TYR A 155 19.39 -14.70 -1.75
CA TYR A 155 18.46 -15.50 -2.55
C TYR A 155 19.20 -16.29 -3.64
N ALA A 156 20.18 -15.67 -4.29
CA ALA A 156 20.94 -16.35 -5.34
C ALA A 156 21.69 -17.52 -4.73
N TYR A 157 22.35 -17.26 -3.61
CA TYR A 157 23.08 -18.33 -2.93
C TYR A 157 22.12 -19.47 -2.56
N ALA A 158 20.98 -19.14 -1.94
CA ALA A 158 20.01 -20.16 -1.51
C ALA A 158 19.49 -21.04 -2.66
N LYS A 159 19.17 -20.42 -3.80
CA LYS A 159 18.68 -21.15 -4.96
C LYS A 159 19.71 -22.16 -5.47
N ALA A 160 20.99 -21.81 -5.37
CA ALA A 160 22.10 -22.69 -5.79
C ALA A 160 22.52 -23.67 -4.70
N ASN A 161 22.15 -23.39 -3.45
CA ASN A 161 22.47 -24.25 -2.31
C ASN A 161 21.24 -24.54 -1.44
N PRO A 162 20.22 -25.16 -2.04
CA PRO A 162 18.98 -25.49 -1.32
C PRO A 162 19.16 -26.59 -0.25
N HIS A 163 20.29 -27.29 -0.29
CA HIS A 163 20.68 -28.21 0.78
C HIS A 163 21.12 -27.47 2.04
N GLU A 164 21.19 -26.14 2.01
CA GLU A 164 21.56 -25.34 3.18
C GLU A 164 20.47 -24.35 3.58
N LEU A 165 20.10 -23.47 2.65
CA LEU A 165 19.13 -22.41 2.94
C LEU A 165 17.80 -22.55 2.19
N GLY A 166 16.74 -22.03 2.80
CA GLY A 166 15.45 -21.91 2.13
C GLY A 166 15.47 -20.58 1.37
N VAL A 167 14.48 -20.37 0.52
CA VAL A 167 14.51 -19.19 -0.35
C VAL A 167 13.60 -18.05 0.08
N ASP A 168 12.96 -18.19 1.24
CA ASP A 168 12.05 -17.17 1.85
C ASP A 168 12.91 -16.30 2.76
N ILE A 169 13.37 -15.17 2.24
CA ILE A 169 14.46 -14.41 2.83
C ILE A 169 14.01 -12.99 3.11
N LYS A 170 14.51 -12.40 4.19
CA LYS A 170 14.23 -10.98 4.50
C LYS A 170 15.50 -10.24 4.90
N THR A 171 15.63 -9.02 4.37
CA THR A 171 16.75 -8.13 4.73
C THR A 171 16.23 -6.74 5.11
N GLN A 172 16.89 -6.13 6.09
CA GLN A 172 16.59 -4.78 6.51
C GLN A 172 17.89 -3.98 6.62
N VAL A 173 17.93 -2.78 6.06
CA VAL A 173 19.12 -1.95 6.17
C VAL A 173 18.76 -0.62 6.79
N THR A 174 19.48 -0.26 7.86
CA THR A 174 19.28 0.99 8.55
C THR A 174 20.44 1.90 8.22
N ILE A 175 20.13 3.06 7.63
CA ILE A 175 21.12 4.07 7.29
C ILE A 175 21.13 5.16 8.38
N ASP A 176 22.31 5.54 8.83
CA ASP A 176 22.45 6.77 9.64
C ASP A 176 22.79 7.93 8.70
N TYR A 177 21.97 8.97 8.75
CA TYR A 177 22.20 10.18 7.98
C TYR A 177 22.95 11.26 8.74
N GLY A 178 23.08 11.08 10.06
CA GLY A 178 23.75 12.07 10.89
C GLY A 178 22.73 13.09 11.36
N THR A 179 22.09 13.75 10.41
CA THR A 179 21.16 14.83 10.70
C THR A 179 20.04 14.85 9.66
N LYS A 180 18.91 15.46 10.04
CA LYS A 180 17.80 15.68 9.11
C LYS A 180 18.23 16.42 7.84
N ALA A 181 19.07 17.43 7.99
CA ALA A 181 19.55 18.20 6.85
C ALA A 181 20.19 17.30 5.80
N ASN A 182 21.05 16.38 6.25
CA ASN A 182 21.70 15.40 5.39
C ASN A 182 20.69 14.46 4.72
N PHE A 183 19.64 14.08 5.44
CA PHE A 183 18.61 13.24 4.84
C PHE A 183 17.95 13.99 3.69
N GLU A 184 17.68 15.27 3.88
CA GLU A 184 17.04 16.11 2.85
C GLU A 184 17.93 16.40 1.65
N ASN A 185 19.25 16.29 1.84
CA ASN A 185 20.20 16.55 0.76
C ASN A 185 20.82 15.28 0.21
N CYS A 186 20.25 14.14 0.62
CA CYS A 186 20.66 12.85 0.08
C CYS A 186 22.11 12.49 0.41
N LYS A 187 22.51 12.71 1.66
CA LYS A 187 23.87 12.43 2.13
C LYS A 187 23.88 11.41 3.27
N PRO A 188 23.87 10.11 2.93
CA PRO A 188 23.99 9.10 3.99
C PRO A 188 25.43 9.07 4.54
N GLN A 189 25.57 8.81 5.83
CA GLN A 189 26.87 8.84 6.51
C GLN A 189 27.42 7.44 6.71
N SER A 190 26.57 6.55 7.23
CA SER A 190 26.93 5.16 7.43
C SER A 190 25.72 4.20 7.39
N ILE A 191 25.98 2.94 7.07
CA ILE A 191 25.02 1.88 7.32
C ILE A 191 25.13 1.57 8.81
N HIS A 192 24.03 1.76 9.54
CA HIS A 192 24.01 1.58 10.98
C HIS A 192 23.76 0.13 11.35
N THR A 193 22.80 -0.49 10.67
CA THR A 193 22.44 -1.88 10.93
C THR A 193 22.12 -2.64 9.65
N ILE A 194 22.59 -3.89 9.59
CA ILE A 194 22.14 -4.85 8.59
C ILE A 194 21.48 -6.03 9.29
N VAL A 195 20.25 -6.36 8.89
CA VAL A 195 19.55 -7.54 9.40
C VAL A 195 19.25 -8.46 8.22
N VAL A 196 19.64 -9.73 8.34
CA VAL A 196 19.28 -10.77 7.37
C VAL A 196 18.61 -11.96 8.10
N SER A 197 17.47 -12.40 7.57
CA SER A 197 16.76 -13.57 8.09
C SER A 197 16.61 -14.61 6.97
N ALA A 198 17.08 -15.83 7.23
CA ALA A 198 16.94 -16.96 6.29
C ALA A 198 16.61 -18.30 6.98
N PRO A 199 15.71 -19.10 6.38
CA PRO A 199 15.53 -20.44 6.88
C PRO A 199 16.74 -21.31 6.55
N CYS A 200 17.02 -22.31 7.38
CA CYS A 200 17.99 -23.34 7.01
C CYS A 200 17.47 -24.75 7.32
N VAL A 201 18.09 -25.76 6.71
CA VAL A 201 17.66 -27.14 6.89
C VAL A 201 17.87 -27.60 8.34
N GLU A 202 17.10 -28.59 8.78
CA GLU A 202 17.08 -29.02 10.18
C GLU A 202 18.47 -29.43 10.71
N SER A 203 19.30 -30.00 9.85
CA SER A 203 20.64 -30.48 10.24
C SER A 203 21.65 -29.36 10.45
N MET A 204 21.37 -28.16 9.92
CA MET A 204 22.34 -27.07 9.99
C MET A 204 22.27 -26.32 11.32
N LYS A 205 23.42 -26.18 11.96
CA LYS A 205 23.54 -25.48 13.23
C LYS A 205 23.50 -23.98 13.00
N ILE A 206 22.86 -23.26 13.92
CA ILE A 206 22.67 -21.81 13.78
C ILE A 206 23.99 -21.08 13.55
N GLU A 207 25.03 -21.48 14.28
CA GLU A 207 26.37 -20.89 14.12
C GLU A 207 26.85 -20.96 12.66
N ASP A 208 26.55 -22.06 11.99
CA ASP A 208 26.99 -22.28 10.61
C ASP A 208 26.14 -21.45 9.63
N LEU A 209 24.83 -21.40 9.85
CA LEU A 209 23.98 -20.48 9.08
C LEU A 209 24.56 -19.08 9.14
N ARG A 210 24.89 -18.61 10.34
CA ARG A 210 25.39 -17.25 10.52
C ARG A 210 26.75 -17.02 9.87
N SER A 211 27.66 -17.98 10.02
CA SER A 211 28.95 -17.93 9.32
C SER A 211 28.76 -17.75 7.81
N LEU A 212 27.88 -18.57 7.26
CA LEU A 212 27.56 -18.56 5.85
C LEU A 212 27.01 -17.20 5.40
N VAL A 213 25.99 -16.72 6.09
CA VAL A 213 25.37 -15.45 5.69
C VAL A 213 26.36 -14.30 5.89
N MET A 214 27.20 -14.37 6.92
CA MET A 214 28.17 -13.31 7.17
C MET A 214 29.11 -13.12 5.99
N LYS A 215 29.63 -14.22 5.45
CA LYS A 215 30.44 -14.19 4.23
C LYS A 215 29.75 -13.50 3.05
N LEU A 216 28.47 -13.80 2.86
CA LEU A 216 27.73 -13.23 1.74
C LEU A 216 27.60 -11.71 1.87
N ILE A 217 27.33 -11.25 3.10
CA ILE A 217 27.27 -9.82 3.41
C ILE A 217 28.64 -9.16 3.18
N LEU A 218 29.71 -9.78 3.70
CA LEU A 218 31.06 -9.21 3.60
C LEU A 218 31.56 -9.13 2.15
N ASP A 219 31.16 -10.10 1.31
CA ASP A 219 31.59 -10.12 -0.09
C ASP A 219 30.58 -9.48 -1.04
N SER A 220 29.52 -8.88 -0.50
CA SER A 220 28.60 -8.09 -1.31
C SER A 220 29.28 -6.80 -1.77
N ASN A 221 28.65 -6.09 -2.70
CA ASN A 221 29.23 -4.87 -3.26
C ASN A 221 28.75 -3.59 -2.54
N LEU A 222 28.63 -3.68 -1.22
CA LEU A 222 28.27 -2.51 -0.43
C LEU A 222 29.40 -1.48 -0.50
N PRO A 223 29.06 -0.19 -0.64
CA PRO A 223 30.11 0.83 -0.67
C PRO A 223 30.93 0.89 0.63
N LYS A 224 32.24 0.95 0.48
CA LYS A 224 33.18 1.01 1.62
C LYS A 224 33.02 2.30 2.43
N GLU A 225 32.56 3.36 1.77
CA GLU A 225 32.31 4.64 2.41
C GLU A 225 31.31 4.50 3.55
N LEU A 226 30.23 3.75 3.31
CA LEU A 226 29.15 3.59 4.29
C LEU A 226 29.30 2.34 5.17
N PHE A 227 29.91 1.29 4.63
CA PHE A 227 29.96 0.00 5.32
C PHE A 227 31.34 -0.32 5.89
N ASP A 228 31.40 -0.40 7.21
CA ASP A 228 32.59 -0.91 7.91
C ASP A 228 32.15 -2.05 8.82
N PRO A 229 32.60 -3.29 8.53
CA PRO A 229 32.15 -4.47 9.27
C PRO A 229 32.53 -4.50 10.77
N ASN A 230 33.33 -3.54 11.23
CA ASN A 230 33.63 -3.40 12.65
C ASN A 230 32.81 -2.31 13.36
N LYS A 231 32.08 -1.49 12.59
CA LYS A 231 31.21 -0.45 13.17
C LYS A 231 29.71 -0.70 12.93
N THR A 232 29.38 -1.31 11.80
CA THR A 232 27.99 -1.63 11.48
C THR A 232 27.58 -2.88 12.24
N ARG A 233 26.44 -2.83 12.93
CA ARG A 233 25.94 -4.02 13.62
C ARG A 233 25.22 -4.95 12.64
N ILE A 234 25.70 -6.19 12.58
CA ILE A 234 25.19 -7.20 11.66
C ILE A 234 24.44 -8.26 12.46
N LEU A 235 23.13 -8.36 12.22
CA LEU A 235 22.25 -9.29 12.91
C LEU A 235 21.75 -10.33 11.92
N ILE A 236 22.11 -11.59 12.13
CA ILE A 236 21.65 -12.68 11.26
C ILE A 236 20.72 -13.57 12.05
N ASN A 237 19.50 -13.73 11.55
CA ASN A 237 18.43 -14.46 12.24
C ASN A 237 18.27 -14.04 13.71
N PRO A 238 17.73 -12.83 13.96
CA PRO A 238 17.51 -12.32 15.32
C PRO A 238 16.74 -13.24 16.27
N THR A 239 15.72 -13.95 15.76
CA THR A 239 14.97 -14.92 16.57
C THR A 239 15.53 -16.35 16.48
N GLY A 240 16.80 -16.47 16.08
CA GLY A 240 17.47 -17.77 16.04
C GLY A 240 17.10 -18.59 14.81
N LYS A 241 17.42 -19.87 14.87
CA LYS A 241 17.17 -20.79 13.76
C LYS A 241 15.68 -21.10 13.55
N TYR A 242 15.28 -21.22 12.29
CA TYR A 242 13.97 -21.74 11.94
C TYR A 242 14.06 -22.48 10.63
N VAL A 243 13.22 -23.51 10.48
CA VAL A 243 13.19 -24.40 9.34
C VAL A 243 11.91 -24.15 8.51
N ASN A 244 10.77 -23.98 9.19
CA ASN A 244 9.51 -23.74 8.50
C ASN A 244 9.53 -22.40 7.78
N HIS A 245 9.08 -22.39 6.53
CA HIS A 245 8.98 -21.16 5.77
C HIS A 245 7.98 -21.36 4.62
N SER A 246 7.83 -20.34 3.77
CA SER A 246 6.98 -20.39 2.59
C SER A 246 5.53 -20.20 2.97
N SER A 247 4.68 -20.07 1.95
CA SER A 247 3.24 -19.86 2.14
C SER A 247 2.55 -21.02 2.89
N LEU A 248 3.22 -22.17 2.96
CA LEU A 248 2.75 -23.26 3.81
C LEU A 248 2.40 -22.75 5.22
N HIS A 249 3.22 -21.82 5.73
CA HIS A 249 3.18 -21.40 7.13
C HIS A 249 2.72 -19.97 7.38
N ASP A 250 2.74 -19.12 6.36
CA ASP A 250 2.18 -17.77 6.45
C ASP A 250 1.52 -17.42 5.11
N SER A 251 0.30 -16.93 5.16
CA SER A 251 -0.48 -16.67 3.96
C SER A 251 0.09 -15.49 3.18
N GLY A 252 -0.08 -15.55 1.86
CA GLY A 252 0.37 -14.48 0.98
C GLY A 252 -0.75 -14.04 0.08
N LEU A 253 -0.75 -12.76 -0.29
CA LEU A 253 -1.77 -12.16 -1.16
C LEU A 253 -1.12 -11.20 -2.15
N THR A 254 -1.67 -11.11 -3.36
CA THR A 254 -1.20 -10.13 -4.31
C THR A 254 -1.38 -8.70 -3.78
N GLY A 255 -0.40 -7.85 -4.10
CA GLY A 255 -0.48 -6.41 -3.83
C GLY A 255 -0.21 -5.99 -2.40
N ARG A 256 0.51 -6.82 -1.64
CA ARG A 256 0.79 -6.55 -0.23
C ARG A 256 2.27 -6.25 0.04
N LYS A 257 3.04 -6.03 -1.02
CA LYS A 257 4.40 -5.53 -0.89
C LYS A 257 4.62 -4.26 -1.72
N LEU A 258 3.70 -3.33 -1.63
CA LEU A 258 3.77 -2.14 -2.47
C LEU A 258 4.92 -1.21 -2.13
N ILE A 259 5.34 -1.22 -0.87
CA ILE A 259 6.40 -0.37 -0.38
C ILE A 259 7.77 -1.03 -0.64
N VAL A 260 7.86 -2.33 -0.36
CA VAL A 260 9.07 -3.09 -0.69
C VAL A 260 9.38 -3.11 -2.19
N ASP A 261 8.35 -3.17 -3.03
CA ASP A 261 8.51 -3.23 -4.50
C ASP A 261 8.77 -1.85 -5.10
N SER A 262 8.73 -0.80 -4.28
CA SER A 262 8.93 0.54 -4.80
C SER A 262 10.02 1.30 -4.04
N PHE A 263 9.66 2.12 -3.07
CA PHE A 263 10.60 3.12 -2.56
C PHE A 263 10.94 3.01 -1.06
N GLY A 264 10.49 1.93 -0.43
CA GLY A 264 10.96 1.53 0.91
C GLY A 264 10.77 2.54 2.02
N GLY A 265 9.73 3.37 1.93
CA GLY A 265 9.44 4.38 2.93
C GLY A 265 9.87 5.81 2.60
N TYR A 266 10.66 5.98 1.55
CA TYR A 266 11.20 7.28 1.18
C TYR A 266 10.21 8.15 0.39
N SER A 267 9.06 7.59 0.04
CA SER A 267 8.07 8.30 -0.77
C SER A 267 6.65 7.90 -0.40
N PRO A 268 5.69 8.78 -0.68
CA PRO A 268 4.32 8.28 -0.71
C PRO A 268 4.13 7.28 -1.82
N ILE A 269 3.07 6.50 -1.72
CA ILE A 269 2.60 5.64 -2.78
C ILE A 269 1.13 5.93 -3.11
N GLY A 270 0.72 5.53 -4.31
CA GLY A 270 -0.68 5.69 -4.73
C GLY A 270 -1.66 4.81 -3.99
N GLY A 271 -1.19 3.62 -3.59
CA GLY A 271 -2.02 2.64 -2.89
C GLY A 271 -2.48 1.48 -3.74
N GLY A 272 -2.43 1.67 -5.06
CA GLY A 272 -2.92 0.70 -6.00
C GLY A 272 -1.79 -0.29 -6.28
N ALA A 273 -2.14 -1.53 -6.52
CA ALA A 273 -1.13 -2.58 -6.78
C ALA A 273 -0.65 -2.60 -8.23
N GLN A 274 0.45 -3.32 -8.49
CA GLN A 274 0.94 -3.55 -9.84
C GLN A 274 0.67 -4.97 -10.30
N SER A 275 1.14 -5.96 -9.53
CA SER A 275 0.94 -7.34 -9.90
C SER A 275 -0.54 -7.72 -10.00
N SER A 276 -0.82 -8.58 -10.97
CA SER A 276 -2.17 -9.09 -11.32
C SER A 276 -2.81 -8.35 -12.51
N LYS A 277 -2.24 -7.20 -12.89
CA LYS A 277 -2.90 -6.28 -13.81
C LYS A 277 -2.18 -6.10 -15.13
N ASP A 278 -2.95 -5.95 -16.21
CA ASP A 278 -2.36 -5.57 -17.47
C ASP A 278 -2.02 -4.09 -17.43
N TYR A 279 -1.39 -3.62 -18.50
CA TYR A 279 -0.93 -2.25 -18.64
C TYR A 279 -2.05 -1.21 -18.72
N THR A 280 -3.30 -1.61 -19.00
CA THR A 280 -4.41 -0.62 -19.04
C THR A 280 -4.83 -0.16 -17.65
N LYS A 281 -4.33 -0.83 -16.61
CA LYS A 281 -4.62 -0.38 -15.27
C LYS A 281 -3.64 0.71 -14.91
N VAL A 282 -4.14 1.92 -14.68
CA VAL A 282 -3.24 3.03 -14.36
C VAL A 282 -2.48 2.85 -13.03
N ASP A 283 -2.98 1.99 -12.14
CA ASP A 283 -2.25 1.63 -10.92
C ASP A 283 -0.85 1.11 -11.24
N ARG A 284 -0.71 0.40 -12.36
CA ARG A 284 0.60 -0.09 -12.85
C ARG A 284 1.25 0.96 -13.73
N SER A 285 0.57 1.36 -14.78
CA SER A 285 1.19 2.24 -15.78
C SER A 285 1.55 3.64 -15.27
N GLY A 286 0.72 4.19 -14.38
CA GLY A 286 1.00 5.49 -13.78
C GLY A 286 2.19 5.50 -12.84
N LEU A 287 2.48 4.36 -12.21
CA LEU A 287 3.69 4.24 -11.40
C LEU A 287 4.94 4.29 -12.30
N TYR A 288 4.91 3.57 -13.41
CA TYR A 288 6.03 3.54 -14.35
C TYR A 288 6.29 4.94 -14.97
N ALA A 289 5.21 5.62 -15.37
CA ALA A 289 5.33 6.98 -15.91
C ALA A 289 5.78 8.03 -14.88
N GLY A 290 5.32 7.92 -13.63
CA GLY A 290 5.76 8.80 -12.56
C GLY A 290 7.23 8.62 -12.26
N ARG A 291 7.62 7.36 -12.18
CA ARG A 291 9.01 6.99 -11.87
C ARG A 291 10.00 7.44 -12.94
N TRP A 292 9.61 7.24 -14.20
CA TRP A 292 10.36 7.67 -15.37
C TRP A 292 10.54 9.18 -15.39
N LEU A 293 9.45 9.94 -15.20
CA LEU A 293 9.59 11.36 -15.04
C LEU A 293 10.52 11.79 -13.88
N ALA A 294 10.29 11.27 -12.68
CA ALA A 294 11.08 11.62 -11.51
C ALA A 294 12.58 11.33 -11.74
N LYS A 295 12.86 10.20 -12.37
CA LYS A 295 14.25 9.76 -12.63
C LYS A 295 14.97 10.68 -13.63
N ASN A 296 14.30 10.97 -14.73
CA ASN A 296 14.83 11.91 -15.70
C ASN A 296 15.03 13.33 -15.16
N ILE A 297 14.13 13.79 -14.29
CA ILE A 297 14.26 15.11 -13.65
C ILE A 297 15.52 15.17 -12.75
N VAL A 298 15.73 14.13 -11.95
CA VAL A 298 16.87 14.08 -11.05
C VAL A 298 18.17 13.83 -11.84
N ALA A 299 18.11 12.93 -12.82
CA ALA A 299 19.32 12.62 -13.62
C ALA A 299 19.76 13.84 -14.44
N ALA A 300 18.81 14.72 -14.77
CA ALA A 300 19.16 15.96 -15.44
C ALA A 300 19.80 17.02 -14.54
N GLY A 301 19.72 16.84 -13.20
CA GLY A 301 20.38 17.74 -12.25
C GLY A 301 19.46 18.87 -11.79
N LEU A 302 18.17 18.73 -12.03
CA LEU A 302 17.18 19.72 -11.63
C LEU A 302 16.74 19.62 -10.16
N ALA A 303 17.10 18.52 -9.49
CA ALA A 303 16.72 18.28 -8.09
C ALA A 303 17.58 17.14 -7.56
N LYS A 304 17.68 17.05 -6.24
CA LYS A 304 18.36 15.88 -5.60
C LYS A 304 17.39 14.70 -5.43
N LYS A 305 16.15 15.00 -5.06
CA LYS A 305 15.11 14.00 -5.14
C LYS A 305 13.84 14.65 -5.65
N CYS A 306 12.93 13.84 -6.17
CA CYS A 306 11.71 14.33 -6.82
C CYS A 306 10.56 13.34 -6.68
N ILE A 307 9.38 13.85 -6.31
CA ILE A 307 8.16 13.07 -6.24
C ILE A 307 7.23 13.57 -7.36
N VAL A 308 6.72 12.66 -8.18
CA VAL A 308 5.76 13.05 -9.24
C VAL A 308 4.42 12.40 -8.94
N GLN A 309 3.37 13.21 -8.76
CA GLN A 309 2.00 12.68 -8.61
C GLN A 309 1.26 12.74 -9.94
N LEU A 310 0.62 11.64 -10.32
CA LEU A 310 -0.37 11.62 -11.42
C LEU A 310 -1.72 11.16 -10.86
N SER A 311 -2.82 11.61 -11.44
CA SER A 311 -4.13 11.07 -11.14
C SER A 311 -4.97 10.94 -12.41
N TYR A 312 -5.90 10.01 -12.37
CA TYR A 312 -6.81 9.72 -13.49
C TYR A 312 -8.23 9.55 -13.01
N ALA A 313 -9.15 9.80 -13.93
CA ALA A 313 -10.57 9.49 -13.75
C ALA A 313 -11.01 8.46 -14.79
N ILE A 314 -11.81 7.48 -14.37
CA ILE A 314 -12.26 6.43 -15.29
C ILE A 314 -12.97 7.03 -16.51
N GLY A 315 -12.59 6.58 -17.71
CA GLY A 315 -13.17 7.06 -18.96
C GLY A 315 -12.62 8.39 -19.45
N VAL A 316 -11.60 8.90 -18.77
CA VAL A 316 -10.89 10.08 -19.23
C VAL A 316 -9.44 9.66 -19.54
N ALA A 317 -8.91 10.10 -20.68
CA ALA A 317 -7.58 9.66 -21.13
C ALA A 317 -6.44 10.50 -20.54
N LYS A 318 -6.59 11.82 -20.59
CA LYS A 318 -5.56 12.71 -20.06
C LYS A 318 -5.62 12.70 -18.53
N PRO A 319 -4.46 12.78 -17.85
CA PRO A 319 -4.55 12.71 -16.39
C PRO A 319 -5.35 13.88 -15.82
N THR A 320 -6.11 13.62 -14.76
CA THR A 320 -6.86 14.70 -14.11
C THR A 320 -5.93 15.64 -13.36
N SER A 321 -4.75 15.15 -12.94
CA SER A 321 -3.76 16.03 -12.37
C SER A 321 -2.35 15.51 -12.58
N VAL A 322 -1.40 16.44 -12.65
CA VAL A 322 0.03 16.15 -12.77
C VAL A 322 0.74 17.15 -11.88
N SER A 323 1.54 16.67 -10.92
CA SER A 323 2.22 17.59 -10.04
C SER A 323 3.58 17.04 -9.66
N VAL A 324 4.57 17.91 -9.55
CA VAL A 324 5.90 17.50 -9.08
C VAL A 324 6.31 18.24 -7.82
N ASP A 325 7.08 17.55 -6.97
CA ASP A 325 7.48 18.07 -5.68
C ASP A 325 8.94 17.66 -5.51
N CYS A 326 9.85 18.62 -5.56
CA CYS A 326 11.28 18.31 -5.41
C CYS A 326 11.77 18.44 -3.98
N MET A 327 10.81 18.54 -3.05
CA MET A 327 11.10 18.58 -1.61
C MET A 327 12.16 19.62 -1.22
N GLY A 328 12.08 20.79 -1.84
CA GLY A 328 13.00 21.89 -1.56
C GLY A 328 14.37 21.76 -2.21
N THR A 329 14.64 20.69 -2.96
CA THR A 329 15.98 20.45 -3.49
C THR A 329 16.18 20.98 -4.93
N ASN A 330 15.30 21.83 -5.44
CA ASN A 330 15.46 22.37 -6.80
C ASN A 330 16.81 23.10 -6.95
N THR A 331 17.48 22.88 -8.06
CA THR A 331 18.72 23.61 -8.37
C THR A 331 18.45 24.86 -9.22
N SER A 332 17.32 24.86 -9.92
CA SER A 332 17.01 25.90 -10.88
C SER A 332 15.49 26.21 -10.84
N VAL A 333 14.79 25.77 -11.88
CA VAL A 333 13.34 25.92 -11.97
C VAL A 333 12.55 25.42 -10.74
N ASN A 334 11.50 26.15 -10.35
CA ASN A 334 10.64 25.75 -9.22
C ASN A 334 9.58 24.70 -9.59
N ASP A 335 8.85 24.21 -8.60
CA ASP A 335 7.99 23.05 -8.80
C ASP A 335 6.76 23.40 -9.66
N ASP A 336 6.36 24.67 -9.67
CA ASP A 336 5.27 25.13 -10.55
C ASP A 336 5.70 25.03 -12.02
N VAL A 337 6.91 25.51 -12.33
CA VAL A 337 7.39 25.47 -13.71
C VAL A 337 7.57 24.01 -14.15
N LEU A 338 8.17 23.19 -13.29
CA LEU A 338 8.37 21.76 -13.58
C LEU A 338 7.05 21.03 -13.84
N SER A 339 6.01 21.28 -13.03
CA SER A 339 4.71 20.63 -13.20
C SER A 339 4.07 21.04 -14.51
N ASP A 340 4.24 22.31 -14.89
CA ASP A 340 3.69 22.79 -16.15
C ASP A 340 4.43 22.19 -17.36
N PHE A 341 5.76 22.13 -17.26
CA PHE A 341 6.60 21.55 -18.29
C PHE A 341 6.21 20.10 -18.55
N VAL A 342 6.04 19.32 -17.49
CA VAL A 342 5.63 17.91 -17.61
C VAL A 342 4.29 17.82 -18.34
N MET A 343 3.30 18.53 -17.81
CA MET A 343 1.98 18.59 -18.45
C MET A 343 2.01 18.91 -19.95
N GLN A 344 2.84 19.86 -20.34
CA GLN A 344 2.86 20.38 -21.72
C GLN A 344 3.69 19.54 -22.70
N ASN A 345 4.62 18.74 -22.18
CA ASN A 345 5.56 17.98 -23.02
C ASN A 345 5.38 16.48 -23.03
N PHE A 346 4.56 15.96 -22.12
CA PHE A 346 4.28 14.53 -22.09
C PHE A 346 2.78 14.30 -21.92
N SER A 347 2.18 13.74 -22.96
CA SER A 347 0.75 13.48 -23.02
C SER A 347 0.20 12.75 -21.78
N LEU A 348 0.84 11.65 -21.42
CA LEU A 348 0.52 10.89 -20.20
C LEU A 348 -0.82 10.14 -20.20
N THR A 349 -1.44 10.01 -21.37
CA THR A 349 -2.63 9.17 -21.50
C THR A 349 -2.24 7.70 -21.37
N PRO A 350 -3.20 6.82 -21.10
CA PRO A 350 -2.84 5.39 -21.07
C PRO A 350 -2.16 4.89 -22.35
N ASN A 351 -2.65 5.29 -23.52
CA ASN A 351 -2.02 4.86 -24.78
C ASN A 351 -0.60 5.40 -24.96
N TRP A 352 -0.39 6.64 -24.54
CA TRP A 352 0.93 7.26 -24.64
C TRP A 352 1.91 6.50 -23.76
N ILE A 353 1.48 6.18 -22.54
CA ILE A 353 2.33 5.39 -21.65
C ILE A 353 2.59 3.98 -22.21
N ARG A 354 1.54 3.31 -22.67
CA ARG A 354 1.66 2.01 -23.35
C ARG A 354 2.69 2.06 -24.47
N ASP A 355 2.59 3.06 -25.33
CA ASP A 355 3.49 3.15 -26.47
C ASP A 355 4.89 3.61 -26.07
N LYS A 356 4.95 4.55 -25.12
CA LYS A 356 6.22 5.06 -24.66
C LYS A 356 7.12 3.91 -24.17
N PHE A 357 6.55 2.97 -23.44
CA PHE A 357 7.33 1.88 -22.83
C PHE A 357 7.06 0.50 -23.48
N HIS A 358 6.24 0.47 -24.54
CA HIS A 358 5.85 -0.78 -25.20
C HIS A 358 5.34 -1.84 -24.19
N LEU A 359 4.39 -1.41 -23.37
CA LEU A 359 3.87 -2.20 -22.25
C LEU A 359 2.99 -3.36 -22.71
N ASP A 360 2.50 -3.26 -23.94
CA ASP A 360 1.68 -4.29 -24.51
C ASP A 360 2.51 -5.33 -25.24
N LYS A 361 3.83 -5.21 -25.19
CA LYS A 361 4.71 -6.11 -25.93
C LYS A 361 5.85 -6.62 -25.05
N PRO A 362 5.51 -7.28 -23.94
CA PRO A 362 6.54 -7.87 -23.11
C PRO A 362 7.36 -8.92 -23.85
N SER A 363 8.64 -9.02 -23.52
CA SER A 363 9.54 -9.98 -24.13
C SER A 363 10.78 -10.07 -23.28
N LYS A 364 11.50 -11.20 -23.37
CA LYS A 364 12.76 -11.38 -22.62
C LYS A 364 13.80 -10.29 -22.88
N GLU A 365 13.84 -9.79 -24.12
CA GLU A 365 14.81 -8.78 -24.54
C GLU A 365 14.45 -7.38 -24.08
N THR A 366 13.18 -7.18 -23.71
CA THR A 366 12.72 -5.89 -23.18
C THR A 366 12.43 -6.03 -21.67
N PHE A 367 11.21 -6.45 -21.32
CA PHE A 367 10.86 -6.75 -19.92
C PHE A 367 9.78 -7.82 -19.89
N LEU A 368 9.71 -8.57 -18.78
CA LEU A 368 8.63 -9.53 -18.59
C LEU A 368 8.01 -9.18 -17.26
N TYR A 369 6.68 -9.18 -17.22
CA TYR A 369 5.95 -8.80 -16.01
C TYR A 369 6.35 -9.63 -14.80
N ALA A 370 6.48 -10.95 -14.99
CA ALA A 370 6.81 -11.86 -13.87
C ALA A 370 8.22 -11.65 -13.31
N ASP A 371 9.12 -11.24 -14.18
CA ASP A 371 10.48 -10.89 -13.80
C ASP A 371 10.51 -9.60 -12.99
N VAL A 372 9.75 -8.61 -13.46
CA VAL A 372 9.56 -7.34 -12.75
C VAL A 372 8.94 -7.56 -11.37
N ALA A 373 7.98 -8.47 -11.28
CA ALA A 373 7.38 -8.84 -9.99
C ALA A 373 8.42 -9.33 -8.96
N ALA A 374 9.37 -10.14 -9.43
CA ALA A 374 10.41 -10.74 -8.57
C ALA A 374 11.58 -9.81 -8.23
N ARG A 375 11.85 -8.84 -9.10
CA ARG A 375 13.00 -7.95 -8.93
C ARG A 375 12.67 -6.56 -8.38
N GLY A 376 11.38 -6.26 -8.25
CA GLY A 376 10.97 -4.94 -7.78
C GLY A 376 10.42 -4.15 -8.96
N GLN A 377 9.44 -3.28 -8.68
CA GLN A 377 8.72 -2.54 -9.74
C GLN A 377 9.55 -1.42 -10.36
N VAL A 378 10.61 -0.99 -9.68
CA VAL A 378 11.45 0.11 -10.11
C VAL A 378 12.90 -0.18 -9.75
N GLY A 379 13.81 0.65 -10.25
CA GLY A 379 15.22 0.66 -9.83
C GLY A 379 16.17 -0.26 -10.61
N GLN A 380 15.70 -0.87 -11.70
CA GLN A 380 16.55 -1.75 -12.53
C GLN A 380 16.81 -1.10 -13.87
N LYS A 381 18.08 -1.10 -14.26
CA LYS A 381 18.55 -0.45 -15.47
C LYS A 381 17.82 -0.85 -16.75
N ASP A 382 17.37 -2.10 -16.82
CA ASP A 382 16.81 -2.67 -18.06
C ASP A 382 15.33 -2.44 -18.32
N TYR A 383 14.61 -1.97 -17.31
CA TYR A 383 13.19 -1.65 -17.52
C TYR A 383 13.05 -0.43 -18.42
N PRO A 384 12.08 -0.46 -19.37
CA PRO A 384 11.88 0.70 -20.25
C PRO A 384 11.59 2.03 -19.50
N TRP A 385 10.93 1.93 -18.35
CA TRP A 385 10.61 3.13 -17.55
C TRP A 385 11.77 3.57 -16.64
N GLU A 386 12.90 2.87 -16.73
CA GLU A 386 14.11 3.26 -16.06
C GLU A 386 15.10 3.88 -17.06
N LYS A 387 14.66 4.06 -18.31
CA LYS A 387 15.52 4.70 -19.31
C LYS A 387 15.48 6.23 -19.24
N LEU A 388 16.66 6.83 -19.43
CA LEU A 388 16.83 8.28 -19.38
C LEU A 388 16.64 8.96 -20.74
N ASP A 389 15.61 8.58 -21.48
CA ASP A 389 15.45 9.10 -22.82
C ASP A 389 14.79 10.49 -22.88
N ALA A 390 14.34 11.00 -21.73
CA ALA A 390 13.91 12.42 -21.66
C ALA A 390 15.00 13.34 -21.08
N LEU A 391 16.24 12.85 -20.95
CA LEU A 391 17.31 13.61 -20.29
C LEU A 391 17.61 14.95 -20.94
N GLU A 392 17.76 14.97 -22.26
CA GLU A 392 18.11 16.22 -22.94
C GLU A 392 17.00 17.26 -22.84
N GLN A 393 15.75 16.81 -22.93
CA GLN A 393 14.58 17.68 -22.76
C GLN A 393 14.57 18.40 -21.41
N PHE A 394 14.83 17.66 -20.34
CA PHE A 394 14.86 18.24 -19.00
C PHE A 394 16.12 19.06 -18.76
N LYS A 395 17.26 18.69 -19.37
CA LYS A 395 18.46 19.52 -19.21
C LYS A 395 18.31 20.94 -19.75
N LYS A 396 17.36 21.16 -20.66
CA LYS A 396 17.08 22.51 -21.17
C LYS A 396 16.48 23.45 -20.11
N LEU A 397 16.02 22.90 -18.99
CA LEU A 397 15.56 23.71 -17.86
C LEU A 397 16.65 24.11 -16.89
N LEU A 398 17.85 23.53 -17.03
CA LEU A 398 18.98 23.89 -16.19
C LEU A 398 19.25 25.41 -16.13
N LYS A 399 19.07 26.12 -17.25
CA LYS A 399 19.30 27.56 -17.32
C LYS A 399 18.09 28.40 -16.87
N MET B 1 -1.33 27.59 -11.14
CA MET B 1 -2.01 26.31 -10.80
C MET B 1 -1.00 25.31 -10.24
N TYR B 2 -1.36 24.69 -9.11
CA TYR B 2 -0.60 23.60 -8.54
C TYR B 2 -1.57 22.61 -7.92
N LEU B 3 -1.64 21.40 -8.48
CA LEU B 3 -2.71 20.46 -8.14
C LEU B 3 -2.22 19.29 -7.28
N PHE B 4 -3.09 18.86 -6.38
CA PHE B 4 -2.86 17.67 -5.59
C PHE B 4 -4.18 16.91 -5.42
N THR B 5 -4.13 15.58 -5.50
CA THR B 5 -5.30 14.74 -5.57
C THR B 5 -5.25 13.58 -4.54
N SER B 6 -6.41 13.20 -4.02
CA SER B 6 -6.60 12.05 -3.13
C SER B 6 -7.92 11.34 -3.47
N GLU B 7 -8.03 10.06 -3.15
CA GLU B 7 -9.25 9.32 -3.41
C GLU B 7 -9.75 8.68 -2.13
N VAL B 8 -11.02 8.31 -2.15
CA VAL B 8 -11.63 7.53 -1.09
C VAL B 8 -12.58 6.53 -1.76
N VAL B 9 -12.79 5.38 -1.12
CA VAL B 9 -13.81 4.42 -1.52
C VAL B 9 -14.68 4.06 -0.32
N SER B 10 -15.93 3.66 -0.59
CA SER B 10 -16.90 3.35 0.44
C SER B 10 -16.70 1.98 1.03
N ALA B 11 -17.44 1.70 2.10
CA ALA B 11 -17.43 0.38 2.73
C ALA B 11 -17.92 -0.74 1.79
N GLY B 12 -18.71 -0.40 0.77
CA GLY B 12 -19.18 -1.35 -0.24
C GLY B 12 -18.19 -1.72 -1.33
N HIS B 13 -17.03 -1.05 -1.34
CA HIS B 13 -15.97 -1.36 -2.28
C HIS B 13 -15.46 -2.74 -1.90
N PRO B 14 -15.15 -3.59 -2.89
CA PRO B 14 -14.72 -4.99 -2.59
C PRO B 14 -13.54 -5.16 -1.61
N ASP B 15 -12.48 -4.37 -1.78
CA ASP B 15 -11.33 -4.39 -0.85
C ASP B 15 -11.76 -4.04 0.57
N LYS B 16 -12.70 -3.11 0.71
CA LYS B 16 -13.20 -2.74 2.04
C LYS B 16 -14.05 -3.84 2.65
N CYS B 17 -14.86 -4.50 1.83
CA CYS B 17 -15.56 -5.71 2.29
C CYS B 17 -14.59 -6.70 2.90
N ALA B 18 -13.46 -6.93 2.21
CA ALA B 18 -12.44 -7.84 2.72
C ALA B 18 -11.84 -7.29 4.02
N ASP B 19 -11.55 -5.99 4.07
CA ASP B 19 -11.04 -5.38 5.31
C ASP B 19 -12.03 -5.51 6.47
N ILE B 20 -13.30 -5.18 6.23
CA ILE B 20 -14.31 -5.22 7.30
C ILE B 20 -14.59 -6.64 7.84
N ILE B 21 -14.63 -7.62 6.95
CA ILE B 21 -14.72 -9.02 7.35
C ILE B 21 -13.49 -9.42 8.18
N ALA B 22 -12.30 -9.10 7.69
CA ALA B 22 -11.08 -9.49 8.42
C ALA B 22 -11.03 -8.90 9.84
N ASP B 23 -11.42 -7.64 9.97
CA ASP B 23 -11.35 -6.97 11.27
C ASP B 23 -12.57 -7.26 12.17
N THR B 24 -13.64 -7.80 11.57
CA THR B 24 -14.73 -8.38 12.36
C THR B 24 -14.21 -9.62 13.09
N ILE B 25 -13.38 -10.41 12.41
CA ILE B 25 -12.73 -11.58 13.06
C ILE B 25 -11.78 -11.14 14.18
N VAL B 26 -11.00 -10.09 13.93
CA VAL B 26 -10.09 -9.58 14.93
C VAL B 26 -10.88 -9.17 16.18
N ASP B 27 -11.95 -8.40 15.98
CA ASP B 27 -12.79 -7.94 17.08
C ASP B 27 -13.34 -9.08 17.92
N ILE B 28 -13.84 -10.14 17.26
CA ILE B 28 -14.48 -11.27 17.95
C ILE B 28 -13.48 -11.99 18.82
N LEU B 29 -12.30 -12.24 18.26
CA LEU B 29 -11.25 -12.92 19.00
C LEU B 29 -10.75 -12.10 20.20
N LEU B 30 -10.50 -10.81 19.97
CA LEU B 30 -10.07 -9.91 21.05
C LEU B 30 -11.13 -9.72 22.13
N LYS B 31 -12.40 -9.64 21.75
CA LYS B 31 -13.48 -9.55 22.75
C LYS B 31 -13.48 -10.74 23.73
N ASN B 32 -13.09 -11.93 23.24
CA ASN B 32 -13.07 -13.15 24.06
C ASN B 32 -11.68 -13.54 24.62
N ASP B 33 -10.62 -13.11 23.95
CA ASP B 33 -9.25 -13.33 24.43
C ASP B 33 -8.36 -12.13 24.03
N LYS B 34 -8.13 -11.23 25.00
CA LYS B 34 -7.36 -9.99 24.79
C LYS B 34 -5.96 -10.15 24.24
N ASN B 35 -5.37 -11.32 24.47
CA ASN B 35 -4.02 -11.63 23.99
C ASN B 35 -4.01 -12.53 22.73
N SER B 36 -5.08 -12.43 21.94
CA SER B 36 -5.16 -13.15 20.67
C SER B 36 -4.17 -12.57 19.68
N ARG B 37 -3.43 -13.43 19.00
CA ARG B 37 -2.57 -13.00 17.92
C ARG B 37 -3.26 -13.40 16.61
N VAL B 38 -3.55 -12.40 15.77
CA VAL B 38 -4.43 -12.59 14.62
C VAL B 38 -3.78 -12.08 13.34
N ALA B 39 -3.80 -12.93 12.32
CA ALA B 39 -3.41 -12.57 10.97
C ALA B 39 -4.41 -13.21 10.01
N SER B 40 -5.57 -12.58 9.86
CA SER B 40 -6.71 -13.17 9.16
C SER B 40 -6.98 -12.45 7.86
N GLU B 41 -6.60 -13.06 6.75
CA GLU B 41 -6.69 -12.47 5.43
C GLU B 41 -7.97 -12.95 4.74
N VAL B 42 -8.57 -12.09 3.92
CA VAL B 42 -9.82 -12.38 3.24
C VAL B 42 -9.71 -11.99 1.77
N PHE B 43 -10.20 -12.86 0.90
CA PHE B 43 -10.21 -12.67 -0.56
C PHE B 43 -11.65 -12.91 -0.99
N VAL B 44 -12.34 -11.85 -1.40
CA VAL B 44 -13.70 -11.97 -1.86
C VAL B 44 -13.58 -12.10 -3.36
N ALA B 45 -13.54 -13.35 -3.81
CA ALA B 45 -13.44 -13.68 -5.23
C ALA B 45 -14.87 -13.93 -5.72
N GLY B 46 -15.51 -12.88 -6.22
CA GLY B 46 -16.90 -12.95 -6.62
C GLY B 46 -17.77 -13.36 -5.45
N ASN B 47 -18.50 -14.45 -5.62
CA ASN B 47 -19.35 -15.02 -4.57
C ASN B 47 -18.62 -16.00 -3.64
N LYS B 48 -17.32 -16.18 -3.83
CA LYS B 48 -16.50 -16.97 -2.93
C LYS B 48 -15.71 -16.10 -1.95
N VAL B 49 -16.07 -16.17 -0.67
CA VAL B 49 -15.34 -15.49 0.41
C VAL B 49 -14.33 -16.45 1.01
N VAL B 50 -13.05 -16.23 0.69
CA VAL B 50 -12.00 -17.08 1.17
C VAL B 50 -11.34 -16.44 2.39
N ILE B 51 -11.40 -17.11 3.53
CA ILE B 51 -10.72 -16.65 4.74
C ILE B 51 -9.52 -17.50 5.03
N GLY B 52 -8.34 -16.89 5.11
CA GLY B 52 -7.11 -17.61 5.43
C GLY B 52 -6.30 -16.94 6.51
N GLY B 53 -5.05 -17.39 6.65
CA GLY B 53 -4.14 -16.84 7.63
C GLY B 53 -4.04 -17.69 8.89
N GLU B 54 -3.69 -17.05 10.00
CA GLU B 54 -3.33 -17.74 11.21
C GLU B 54 -3.80 -16.98 12.44
N VAL B 55 -4.20 -17.73 13.46
CA VAL B 55 -4.72 -17.18 14.71
C VAL B 55 -4.21 -18.00 15.90
N LYS B 56 -3.61 -17.32 16.86
CA LYS B 56 -3.26 -17.92 18.16
C LYS B 56 -4.16 -17.32 19.22
N SER B 57 -5.12 -18.13 19.66
CA SER B 57 -6.16 -17.65 20.57
C SER B 57 -6.72 -18.80 21.39
N ASN B 58 -7.32 -18.45 22.53
CA ASN B 58 -8.10 -19.41 23.31
C ASN B 58 -9.53 -19.50 22.80
N HIS B 59 -9.95 -18.48 22.04
CA HIS B 59 -11.26 -18.50 21.42
C HIS B 59 -11.14 -19.11 20.04
N LYS B 60 -12.02 -20.07 19.75
CA LYS B 60 -12.05 -20.76 18.47
C LYS B 60 -13.38 -20.44 17.78
N LEU B 61 -13.36 -20.48 16.46
CA LEU B 61 -14.52 -20.16 15.65
C LEU B 61 -14.96 -21.37 14.85
N SER B 62 -16.26 -21.60 14.83
CA SER B 62 -16.84 -22.71 14.09
C SER B 62 -17.11 -22.26 12.67
N LYS B 63 -17.45 -23.21 11.81
CA LYS B 63 -17.79 -22.92 10.43
C LYS B 63 -19.03 -22.02 10.40
N ALA B 64 -19.99 -22.30 11.27
CA ALA B 64 -21.20 -21.47 11.37
C ALA B 64 -20.88 -20.06 11.84
N ASP B 65 -19.93 -19.91 12.78
CA ASP B 65 -19.48 -18.58 13.22
C ASP B 65 -19.01 -17.75 12.02
N TYR B 66 -18.24 -18.36 11.11
CA TYR B 66 -17.76 -17.64 9.92
C TYR B 66 -18.89 -17.30 8.96
N ASP B 67 -19.83 -18.22 8.78
CA ASP B 67 -20.97 -17.99 7.89
C ASP B 67 -21.81 -16.81 8.40
N ASN B 68 -22.10 -16.80 9.70
CA ASN B 68 -22.92 -15.75 10.32
C ASN B 68 -22.26 -14.38 10.20
N LEU B 69 -20.96 -14.36 10.42
CA LEU B 69 -20.17 -13.13 10.47
C LEU B 69 -20.04 -12.49 9.09
N VAL B 70 -19.80 -13.31 8.06
CA VAL B 70 -19.77 -12.83 6.68
C VAL B 70 -21.13 -12.25 6.29
N LYS B 71 -22.19 -13.00 6.53
CA LYS B 71 -23.52 -12.50 6.15
C LYS B 71 -23.89 -11.23 6.90
N ASP B 72 -23.58 -11.19 8.19
CA ASP B 72 -23.89 -9.99 8.97
C ASP B 72 -23.05 -8.78 8.50
N VAL B 73 -21.78 -9.00 8.16
CA VAL B 73 -20.95 -7.90 7.63
C VAL B 73 -21.51 -7.39 6.30
N LEU B 74 -21.81 -8.31 5.38
CA LEU B 74 -22.34 -7.94 4.06
C LEU B 74 -23.66 -7.18 4.17
N LYS B 75 -24.51 -7.64 5.10
CA LYS B 75 -25.80 -6.97 5.33
C LYS B 75 -25.65 -5.55 5.84
N ASN B 76 -24.81 -5.37 6.86
CA ASN B 76 -24.58 -4.04 7.42
C ASN B 76 -23.92 -3.07 6.43
N ILE B 77 -23.06 -3.59 5.54
CA ILE B 77 -22.45 -2.79 4.48
C ILE B 77 -23.50 -2.28 3.49
N GLY B 78 -24.50 -3.12 3.22
CA GLY B 78 -25.55 -2.83 2.25
C GLY B 78 -25.89 -3.96 1.30
N TYR B 79 -25.12 -5.05 1.32
CA TYR B 79 -25.38 -6.20 0.47
C TYR B 79 -26.32 -7.15 1.20
N ASP B 80 -27.60 -6.80 1.22
CA ASP B 80 -28.63 -7.51 1.97
C ASP B 80 -29.56 -8.37 1.11
N GLY B 81 -29.31 -8.41 -0.20
CA GLY B 81 -30.07 -9.26 -1.12
C GLY B 81 -31.49 -8.79 -1.35
N ALA B 82 -31.73 -7.49 -1.29
CA ALA B 82 -33.08 -6.94 -1.49
C ALA B 82 -33.60 -7.17 -2.92
N GLY B 83 -32.69 -7.24 -3.90
CA GLY B 83 -33.05 -7.58 -5.28
C GLY B 83 -33.42 -6.41 -6.17
N HIS B 84 -33.07 -5.19 -5.77
CA HIS B 84 -33.15 -4.05 -6.68
C HIS B 84 -32.11 -4.20 -7.78
N PHE B 85 -31.01 -4.87 -7.44
CA PHE B 85 -30.01 -5.31 -8.40
C PHE B 85 -30.13 -6.82 -8.57
N SER B 86 -30.00 -7.31 -9.80
CA SER B 86 -30.05 -8.76 -10.02
C SER B 86 -28.84 -9.37 -9.32
N LYS B 87 -28.89 -10.66 -9.03
CA LYS B 87 -27.77 -11.30 -8.33
C LYS B 87 -26.55 -11.47 -9.24
N GLU B 88 -26.73 -11.23 -10.54
CA GLU B 88 -25.60 -11.17 -11.47
C GLU B 88 -25.01 -9.74 -11.54
N GLN B 89 -25.78 -8.75 -11.11
CA GLN B 89 -25.31 -7.35 -11.07
C GLN B 89 -24.52 -7.03 -9.80
N CYS B 90 -24.83 -7.75 -8.72
CA CYS B 90 -24.50 -7.31 -7.39
C CYS B 90 -24.51 -8.52 -6.44
N LEU B 91 -23.55 -8.57 -5.52
CA LEU B 91 -23.43 -9.69 -4.59
C LEU B 91 -24.68 -9.87 -3.73
N HIS B 92 -25.19 -11.10 -3.70
CA HIS B 92 -26.39 -11.48 -2.97
C HIS B 92 -25.97 -12.46 -1.88
N PRO B 93 -26.27 -12.15 -0.60
CA PRO B 93 -25.71 -13.00 0.47
C PRO B 93 -26.02 -14.49 0.35
N ASP B 94 -27.17 -14.84 -0.24
CA ASP B 94 -27.52 -16.25 -0.41
C ASP B 94 -26.58 -16.98 -1.36
N GLU B 95 -25.95 -16.28 -2.29
CA GLU B 95 -25.11 -16.95 -3.28
C GLU B 95 -23.67 -17.12 -2.79
N VAL B 96 -23.34 -16.52 -1.65
CA VAL B 96 -21.98 -16.61 -1.09
C VAL B 96 -21.66 -18.01 -0.56
N ASP B 97 -20.46 -18.50 -0.84
CA ASP B 97 -19.89 -19.69 -0.16
C ASP B 97 -18.64 -19.23 0.56
N VAL B 98 -18.55 -19.54 1.84
CA VAL B 98 -17.43 -19.14 2.65
C VAL B 98 -16.49 -20.33 2.74
N MET B 99 -15.23 -20.10 2.40
CA MET B 99 -14.21 -21.15 2.38
C MET B 99 -13.13 -20.78 3.39
N VAL B 100 -12.98 -21.59 4.43
CA VAL B 100 -12.05 -21.30 5.53
C VAL B 100 -10.77 -22.15 5.56
N PHE B 101 -9.65 -21.49 5.26
CA PHE B 101 -8.33 -22.11 5.32
C PHE B 101 -7.58 -21.61 6.54
N LEU B 102 -8.24 -20.77 7.34
CA LEU B 102 -7.61 -20.13 8.49
C LEU B 102 -7.07 -21.19 9.43
N ASN B 103 -5.80 -21.07 9.79
CA ASN B 103 -5.16 -22.02 10.69
C ASN B 103 -5.20 -21.55 12.13
N GLU B 104 -5.83 -22.35 12.98
CA GLU B 104 -5.91 -22.09 14.41
C GLU B 104 -4.80 -22.88 15.12
N GLN B 105 -4.10 -22.19 16.01
CA GLN B 105 -3.11 -22.82 16.88
C GLN B 105 -3.26 -22.29 18.29
N SER B 106 -2.64 -22.97 19.24
CA SER B 106 -2.70 -22.55 20.64
C SER B 106 -1.76 -21.35 20.84
N PRO B 107 -2.08 -20.48 21.82
CA PRO B 107 -1.18 -19.38 22.17
C PRO B 107 0.23 -19.83 22.55
N ASP B 108 1.24 -19.06 22.16
CA ASP B 108 2.61 -19.28 22.62
C ASP B 108 2.73 -19.14 24.15
N ILE B 109 3.78 -19.75 24.70
CA ILE B 109 4.03 -19.65 26.14
C ILE B 109 4.35 -18.19 26.45
N ASN B 110 3.70 -17.65 27.49
CA ASN B 110 3.87 -16.26 27.93
C ASN B 110 3.24 -15.23 26.98
N GLN B 111 2.14 -15.61 26.32
CA GLN B 111 1.45 -14.73 25.39
C GLN B 111 0.56 -13.74 26.14
N ASP B 124 11.42 -5.71 15.29
CA ASP B 124 11.91 -5.41 13.94
C ASP B 124 12.63 -4.07 13.85
N GLN B 125 13.56 -3.97 12.90
CA GLN B 125 14.07 -2.70 12.43
C GLN B 125 13.07 -2.18 11.42
N GLY B 126 12.64 -0.94 11.57
CA GLY B 126 11.65 -0.39 10.65
C GLY B 126 11.16 0.97 11.09
N ILE B 127 10.12 1.44 10.43
CA ILE B 127 9.59 2.77 10.65
C ILE B 127 8.08 2.80 10.40
N MET B 128 7.41 3.74 11.05
CA MET B 128 6.03 4.05 10.76
C MET B 128 5.83 5.55 10.85
N PHE B 129 4.87 6.06 10.10
CA PHE B 129 4.60 7.47 10.06
C PHE B 129 3.17 7.78 10.50
N GLY B 130 3.03 8.90 11.19
CA GLY B 130 1.75 9.58 11.31
C GLY B 130 1.82 10.99 10.74
N PHE B 131 0.66 11.64 10.59
CA PHE B 131 0.60 12.92 9.93
C PHE B 131 -0.66 13.66 10.40
N ALA B 132 -0.58 14.99 10.38
CA ALA B 132 -1.73 15.84 10.64
C ALA B 132 -1.51 17.17 9.96
N SER B 133 -2.60 17.88 9.67
CA SER B 133 -2.49 19.19 9.04
C SER B 133 -3.72 20.01 9.39
N CYS B 134 -3.55 21.34 9.41
CA CYS B 134 -4.64 22.23 9.80
C CYS B 134 -5.62 22.58 8.66
N GLU B 135 -5.38 22.07 7.45
CA GLU B 135 -6.17 22.43 6.25
C GLU B 135 -7.67 22.16 6.32
N ALA B 136 -8.07 21.04 6.93
CA ALA B 136 -9.47 20.61 6.91
C ALA B 136 -9.89 19.85 8.18
N GLU B 137 -11.15 19.39 8.19
CA GLU B 137 -11.76 18.86 9.41
C GLU B 137 -10.95 17.73 10.06
N GLU B 138 -11.01 17.69 11.39
CA GLU B 138 -10.26 16.73 12.20
C GLU B 138 -8.77 16.67 11.84
N TYR B 139 -8.22 17.83 11.49
CA TYR B 139 -6.80 17.98 11.24
C TYR B 139 -6.27 17.01 10.19
N MET B 140 -7.05 16.85 9.12
CA MET B 140 -6.66 16.02 7.97
C MET B 140 -6.38 16.92 6.77
N PRO B 141 -5.55 16.44 5.85
CA PRO B 141 -5.27 17.28 4.68
C PRO B 141 -6.48 17.36 3.79
N ALA B 142 -6.46 18.37 2.93
CA ALA B 142 -7.62 18.87 2.22
C ALA B 142 -8.23 17.86 1.24
N ALA B 143 -7.42 17.35 0.31
CA ALA B 143 -7.97 16.51 -0.74
C ALA B 143 -8.69 15.26 -0.18
N ILE B 144 -8.06 14.56 0.76
CA ILE B 144 -8.67 13.33 1.28
C ILE B 144 -9.83 13.65 2.21
N SER B 145 -9.80 14.82 2.85
CA SER B 145 -10.90 15.18 3.76
C SER B 145 -12.17 15.33 2.94
N TYR B 146 -12.07 16.09 1.84
CA TYR B 146 -13.22 16.40 1.02
C TYR B 146 -13.69 15.22 0.21
N ALA B 147 -12.77 14.37 -0.25
CA ALA B 147 -13.15 13.11 -0.87
C ALA B 147 -13.93 12.23 0.12
N ARG B 148 -13.54 12.23 1.39
CA ARG B 148 -14.25 11.44 2.40
C ARG B 148 -15.67 11.97 2.63
N MET B 149 -15.81 13.29 2.69
CA MET B 149 -17.13 13.92 2.88
C MET B 149 -18.11 13.57 1.77
N LEU B 150 -17.61 13.57 0.53
CA LEU B 150 -18.44 13.23 -0.63
C LEU B 150 -18.81 11.76 -0.61
N CYS B 151 -17.83 10.90 -0.34
CA CYS B 151 -18.08 9.47 -0.29
C CYS B 151 -19.11 9.15 0.81
N ASP B 152 -18.87 9.66 2.02
CA ASP B 152 -19.78 9.42 3.14
C ASP B 152 -21.20 9.80 2.79
N ARG B 153 -21.36 10.91 2.08
CA ARG B 153 -22.70 11.41 1.74
C ARG B 153 -23.39 10.55 0.69
N VAL B 154 -22.65 10.10 -0.32
CA VAL B 154 -23.23 9.29 -1.39
C VAL B 154 -23.57 7.89 -0.84
N TYR B 155 -22.67 7.34 -0.01
CA TYR B 155 -22.87 6.03 0.62
C TYR B 155 -24.10 6.04 1.53
N ALA B 156 -24.24 7.10 2.32
CA ALA B 156 -25.41 7.27 3.20
C ALA B 156 -26.72 7.36 2.40
N TYR B 157 -26.69 8.02 1.24
CA TYR B 157 -27.88 8.08 0.41
C TYR B 157 -28.20 6.69 -0.14
N ALA B 158 -27.18 6.01 -0.67
CA ALA B 158 -27.36 4.68 -1.24
C ALA B 158 -27.96 3.68 -0.24
N LYS B 159 -27.57 3.78 1.03
CA LYS B 159 -28.13 2.90 2.07
C LYS B 159 -29.61 3.23 2.31
N ALA B 160 -29.93 4.51 2.43
CA ALA B 160 -31.33 4.96 2.58
C ALA B 160 -32.19 4.67 1.33
N ASN B 161 -31.57 4.64 0.15
CA ASN B 161 -32.30 4.45 -1.11
C ASN B 161 -31.75 3.33 -2.01
N PRO B 162 -31.86 2.06 -1.58
CA PRO B 162 -31.30 0.96 -2.41
C PRO B 162 -32.02 0.77 -3.76
N HIS B 163 -33.22 1.32 -3.90
CA HIS B 163 -33.96 1.27 -5.16
C HIS B 163 -33.37 2.16 -6.26
N GLU B 164 -32.45 3.06 -5.88
CA GLU B 164 -31.80 3.96 -6.81
C GLU B 164 -30.30 3.66 -6.95
N LEU B 165 -29.58 3.66 -5.83
CA LEU B 165 -28.10 3.55 -5.83
C LEU B 165 -27.55 2.28 -5.16
N GLY B 166 -26.42 1.79 -5.67
CA GLY B 166 -25.65 0.73 -5.02
C GLY B 166 -24.60 1.33 -4.09
N VAL B 167 -23.97 0.48 -3.29
CA VAL B 167 -23.10 0.95 -2.19
C VAL B 167 -21.59 0.90 -2.47
N ASP B 168 -21.22 0.41 -3.65
CA ASP B 168 -19.84 0.34 -4.12
C ASP B 168 -19.44 1.66 -4.80
N ILE B 169 -18.87 2.58 -4.02
CA ILE B 169 -18.74 3.99 -4.41
C ILE B 169 -17.30 4.44 -4.26
N LYS B 170 -16.85 5.24 -5.21
CA LYS B 170 -15.53 5.84 -5.18
C LYS B 170 -15.64 7.33 -5.46
N THR B 171 -14.75 8.09 -4.85
CA THR B 171 -14.63 9.51 -5.11
C THR B 171 -13.16 9.93 -5.20
N GLN B 172 -12.95 11.06 -5.85
CA GLN B 172 -11.62 11.62 -6.01
C GLN B 172 -11.75 13.13 -6.10
N VAL B 173 -10.89 13.81 -5.35
CA VAL B 173 -10.91 15.27 -5.27
C VAL B 173 -9.53 15.80 -5.63
N THR B 174 -9.49 16.75 -6.57
CA THR B 174 -8.26 17.47 -6.86
C THR B 174 -8.34 18.87 -6.32
N ILE B 175 -7.36 19.25 -5.52
CA ILE B 175 -7.29 20.57 -4.94
C ILE B 175 -6.29 21.41 -5.74
N ASP B 176 -6.69 22.65 -6.06
CA ASP B 176 -5.77 23.61 -6.63
C ASP B 176 -5.25 24.49 -5.51
N TYR B 177 -3.92 24.47 -5.36
CA TYR B 177 -3.24 25.27 -4.36
C TYR B 177 -2.70 26.56 -4.98
N GLY B 178 -2.76 26.70 -6.30
CA GLY B 178 -2.28 27.90 -6.98
C GLY B 178 -0.79 27.84 -7.29
N THR B 179 0.00 27.71 -6.23
CA THR B 179 1.45 27.64 -6.30
C THR B 179 1.90 26.56 -5.32
N LYS B 180 3.09 26.03 -5.56
CA LYS B 180 3.74 25.13 -4.62
C LYS B 180 3.90 25.80 -3.26
N ALA B 181 4.24 27.09 -3.24
CA ALA B 181 4.38 27.82 -2.00
C ALA B 181 3.12 27.72 -1.11
N ASN B 182 1.94 27.82 -1.71
CA ASN B 182 0.70 27.64 -0.94
C ASN B 182 0.52 26.21 -0.43
N PHE B 183 0.97 25.22 -1.21
CA PHE B 183 0.91 23.83 -0.78
C PHE B 183 1.79 23.66 0.47
N GLU B 184 2.98 24.27 0.44
CA GLU B 184 3.92 24.23 1.57
C GLU B 184 3.37 24.93 2.82
N ASN B 185 2.53 25.93 2.61
CA ASN B 185 2.02 26.75 3.71
C ASN B 185 0.59 26.38 4.13
N CYS B 186 0.10 25.25 3.62
CA CYS B 186 -1.25 24.72 3.90
C CYS B 186 -2.37 25.69 3.56
N LYS B 187 -2.34 26.17 2.31
CA LYS B 187 -3.26 27.21 1.85
C LYS B 187 -3.98 26.77 0.57
N PRO B 188 -4.97 25.85 0.68
CA PRO B 188 -5.74 25.46 -0.50
C PRO B 188 -6.54 26.63 -1.08
N GLN B 189 -6.63 26.72 -2.40
CA GLN B 189 -7.30 27.86 -3.08
C GLN B 189 -8.67 27.51 -3.60
N SER B 190 -8.81 26.33 -4.20
CA SER B 190 -10.12 25.85 -4.66
C SER B 190 -10.14 24.34 -4.78
N ILE B 191 -11.35 23.78 -4.82
CA ILE B 191 -11.54 22.40 -5.28
C ILE B 191 -11.62 22.45 -6.80
N HIS B 192 -10.66 21.80 -7.45
CA HIS B 192 -10.45 21.94 -8.90
C HIS B 192 -11.33 20.95 -9.66
N THR B 193 -11.27 19.68 -9.25
CA THR B 193 -12.07 18.64 -9.86
C THR B 193 -12.60 17.67 -8.82
N ILE B 194 -13.80 17.17 -9.10
CA ILE B 194 -14.44 16.13 -8.31
C ILE B 194 -14.85 14.98 -9.22
N VAL B 195 -14.46 13.75 -8.86
CA VAL B 195 -14.90 12.55 -9.55
C VAL B 195 -15.77 11.74 -8.60
N VAL B 196 -16.94 11.33 -9.06
CA VAL B 196 -17.75 10.38 -8.32
C VAL B 196 -18.16 9.23 -9.22
N SER B 197 -18.00 8.00 -8.71
CA SER B 197 -18.50 6.81 -9.37
C SER B 197 -19.48 6.10 -8.44
N ALA B 198 -20.74 6.04 -8.86
CA ALA B 198 -21.76 5.36 -8.08
C ALA B 198 -22.62 4.47 -8.99
N PRO B 199 -22.82 3.21 -8.59
CA PRO B 199 -23.66 2.38 -9.41
C PRO B 199 -25.14 2.70 -9.18
N CYS B 200 -25.95 2.50 -10.22
CA CYS B 200 -27.39 2.71 -10.10
C CYS B 200 -28.15 1.57 -10.77
N VAL B 201 -29.41 1.42 -10.40
CA VAL B 201 -30.28 0.37 -10.97
C VAL B 201 -30.36 0.42 -12.49
N GLU B 202 -30.60 -0.74 -13.10
CA GLU B 202 -30.69 -0.87 -14.55
C GLU B 202 -31.67 0.15 -15.16
N SER B 203 -32.75 0.43 -14.46
CA SER B 203 -33.82 1.29 -14.97
C SER B 203 -33.53 2.79 -14.87
N MET B 204 -32.44 3.18 -14.20
CA MET B 204 -32.11 4.61 -14.08
C MET B 204 -31.25 5.08 -15.25
N LYS B 205 -31.74 6.09 -15.96
CA LYS B 205 -30.98 6.70 -17.06
C LYS B 205 -29.84 7.56 -16.50
N ILE B 206 -28.78 7.69 -17.29
CA ILE B 206 -27.55 8.36 -16.85
C ILE B 206 -27.76 9.83 -16.45
N GLU B 207 -28.63 10.53 -17.19
CA GLU B 207 -28.96 11.93 -16.88
C GLU B 207 -29.52 12.08 -15.47
N ASP B 208 -30.40 11.15 -15.10
CA ASP B 208 -31.03 11.17 -13.77
C ASP B 208 -30.05 10.80 -12.66
N LEU B 209 -29.11 9.90 -12.95
CA LEU B 209 -28.06 9.54 -11.99
C LEU B 209 -27.18 10.75 -11.70
N ARG B 210 -26.73 11.40 -12.76
CA ARG B 210 -25.91 12.62 -12.63
C ARG B 210 -26.64 13.72 -11.83
N SER B 211 -27.93 13.94 -12.09
CA SER B 211 -28.72 14.91 -11.31
C SER B 211 -28.76 14.59 -9.82
N LEU B 212 -28.99 13.32 -9.52
CA LEU B 212 -28.95 12.84 -8.15
C LEU B 212 -27.60 13.11 -7.47
N VAL B 213 -26.49 12.61 -8.03
CA VAL B 213 -25.23 12.74 -7.28
C VAL B 213 -24.79 14.20 -7.25
N MET B 214 -25.20 15.00 -8.23
CA MET B 214 -24.96 16.44 -8.19
C MET B 214 -25.62 17.06 -6.95
N LYS B 215 -26.87 16.67 -6.68
CA LYS B 215 -27.56 17.10 -5.46
C LYS B 215 -26.80 16.66 -4.21
N LEU B 216 -26.29 15.44 -4.25
CA LEU B 216 -25.53 14.89 -3.11
C LEU B 216 -24.19 15.59 -2.92
N ILE B 217 -23.58 16.03 -4.02
CA ILE B 217 -22.35 16.81 -3.96
C ILE B 217 -22.60 18.13 -3.24
N LEU B 218 -23.67 18.83 -3.61
CA LEU B 218 -24.05 20.09 -2.95
C LEU B 218 -24.47 19.95 -1.48
N ASP B 219 -24.92 18.76 -1.09
CA ASP B 219 -25.39 18.46 0.25
C ASP B 219 -24.30 17.75 1.09
N SER B 220 -23.06 17.76 0.59
CA SER B 220 -21.96 17.16 1.31
C SER B 220 -21.23 18.16 2.21
N ASN B 221 -21.75 19.39 2.34
CA ASN B 221 -21.22 20.39 3.27
C ASN B 221 -19.78 20.80 2.92
N LEU B 222 -19.49 20.92 1.63
CA LEU B 222 -18.15 21.33 1.17
C LEU B 222 -17.99 22.83 1.41
N PRO B 223 -16.82 23.28 1.90
CA PRO B 223 -16.67 24.70 2.20
C PRO B 223 -16.84 25.59 0.96
N LYS B 224 -17.73 26.57 1.06
CA LYS B 224 -18.06 27.46 -0.07
C LYS B 224 -16.88 28.32 -0.54
N GLU B 225 -15.94 28.60 0.35
CA GLU B 225 -14.75 29.35 0.00
C GLU B 225 -13.91 28.58 -1.03
N LEU B 226 -13.96 27.25 -0.99
CA LEU B 226 -13.22 26.39 -1.94
C LEU B 226 -14.08 25.85 -3.09
N PHE B 227 -15.38 25.71 -2.86
CA PHE B 227 -16.24 25.00 -3.80
C PHE B 227 -17.24 25.91 -4.51
N ASP B 228 -17.01 26.12 -5.81
CA ASP B 228 -17.98 26.78 -6.68
C ASP B 228 -18.37 25.81 -7.78
N PRO B 229 -19.62 25.31 -7.75
CA PRO B 229 -20.15 24.36 -8.74
C PRO B 229 -19.91 24.77 -10.20
N ASN B 230 -20.01 26.06 -10.49
CA ASN B 230 -19.84 26.56 -11.85
C ASN B 230 -18.39 26.53 -12.34
N LYS B 231 -17.44 26.59 -11.39
CA LYS B 231 -16.03 26.66 -11.75
C LYS B 231 -15.28 25.34 -11.47
N THR B 232 -15.97 24.38 -10.88
CA THR B 232 -15.37 23.07 -10.59
C THR B 232 -15.65 22.09 -11.73
N ARG B 233 -14.65 21.31 -12.10
CA ARG B 233 -14.85 20.24 -13.06
C ARG B 233 -15.42 19.01 -12.33
N ILE B 234 -16.61 18.59 -12.73
CA ILE B 234 -17.29 17.47 -12.07
C ILE B 234 -17.49 16.32 -13.05
N LEU B 235 -16.94 15.17 -12.71
CA LEU B 235 -17.04 13.99 -13.55
C LEU B 235 -17.81 12.91 -12.79
N ILE B 236 -19.01 12.60 -13.27
CA ILE B 236 -19.88 11.64 -12.63
C ILE B 236 -20.12 10.48 -13.58
N ASN B 237 -19.69 9.29 -13.16
CA ASN B 237 -19.79 8.09 -13.99
C ASN B 237 -19.41 8.41 -15.43
N PRO B 238 -18.14 8.82 -15.65
CA PRO B 238 -17.72 9.36 -16.95
C PRO B 238 -17.84 8.41 -18.14
N THR B 239 -17.74 7.10 -17.89
CA THR B 239 -17.93 6.11 -18.95
C THR B 239 -19.39 6.06 -19.38
N GLY B 240 -20.29 6.42 -18.46
CA GLY B 240 -21.69 6.66 -18.81
C GLY B 240 -22.68 5.57 -18.47
N LYS B 241 -22.19 4.43 -18.00
CA LYS B 241 -23.06 3.30 -17.64
C LYS B 241 -22.37 2.42 -16.60
N TYR B 242 -22.91 2.40 -15.39
CA TYR B 242 -22.29 1.67 -14.28
C TYR B 242 -23.39 1.09 -13.39
N VAL B 243 -23.67 -0.20 -13.62
CA VAL B 243 -24.76 -0.92 -12.94
C VAL B 243 -24.19 -2.11 -12.18
N ASN B 244 -23.41 -2.93 -12.88
CA ASN B 244 -22.67 -4.04 -12.29
C ASN B 244 -21.63 -3.56 -11.28
N HIS B 245 -21.70 -4.07 -10.05
CA HIS B 245 -20.74 -3.68 -9.01
C HIS B 245 -20.53 -4.78 -7.99
N SER B 246 -19.66 -4.51 -7.01
CA SER B 246 -19.37 -5.44 -5.91
C SER B 246 -18.28 -6.42 -6.35
N SER B 247 -17.89 -7.29 -5.42
CA SER B 247 -16.83 -8.27 -5.66
C SER B 247 -17.10 -9.24 -6.81
N LEU B 248 -18.36 -9.33 -7.25
CA LEU B 248 -18.72 -10.07 -8.46
C LEU B 248 -17.96 -9.63 -9.71
N HIS B 249 -17.72 -8.33 -9.82
CA HIS B 249 -17.08 -7.76 -11.01
C HIS B 249 -15.72 -7.15 -10.75
N ASP B 250 -15.33 -7.06 -9.48
CA ASP B 250 -13.98 -6.64 -9.11
C ASP B 250 -13.60 -7.36 -7.83
N SER B 251 -12.64 -8.28 -7.92
CA SER B 251 -12.11 -8.98 -6.74
C SER B 251 -11.77 -8.03 -5.59
N GLY B 252 -11.98 -8.51 -4.35
CA GLY B 252 -11.60 -7.75 -3.16
C GLY B 252 -10.63 -8.51 -2.28
N LEU B 253 -9.55 -7.85 -1.85
CA LEU B 253 -8.56 -8.44 -0.93
C LEU B 253 -8.20 -7.49 0.22
N THR B 254 -7.87 -8.09 1.36
CA THR B 254 -7.56 -7.33 2.56
C THR B 254 -6.24 -6.58 2.43
N GLY B 255 -6.18 -5.39 2.98
CA GLY B 255 -4.93 -4.64 3.05
C GLY B 255 -4.53 -3.98 1.75
N ARG B 256 -5.51 -3.63 0.92
CA ARG B 256 -5.26 -3.07 -0.41
C ARG B 256 -5.75 -1.64 -0.58
N LYS B 257 -6.09 -1.00 0.53
CA LYS B 257 -6.51 0.39 0.53
C LYS B 257 -5.70 1.22 1.52
N LEU B 258 -4.40 1.04 1.52
CA LEU B 258 -3.53 1.62 2.54
C LEU B 258 -3.59 3.14 2.58
N ILE B 259 -3.70 3.75 1.40
CA ILE B 259 -3.63 5.20 1.27
C ILE B 259 -5.01 5.84 1.42
N VAL B 260 -6.07 5.21 0.91
CA VAL B 260 -7.41 5.76 1.26
C VAL B 260 -7.69 5.66 2.75
N ASP B 261 -7.11 4.66 3.41
CA ASP B 261 -7.26 4.46 4.87
C ASP B 261 -6.40 5.41 5.74
N SER B 262 -5.41 6.08 5.15
CA SER B 262 -4.53 6.97 5.87
C SER B 262 -4.55 8.42 5.31
N PHE B 263 -3.48 8.87 4.67
CA PHE B 263 -3.26 10.30 4.43
C PHE B 263 -3.38 10.76 2.97
N GLY B 264 -3.86 9.86 2.11
CA GLY B 264 -4.16 10.19 0.73
C GLY B 264 -3.02 10.68 -0.14
N GLY B 265 -1.79 10.26 0.19
CA GLY B 265 -0.59 10.68 -0.51
C GLY B 265 0.12 11.92 0.03
N TYR B 266 -0.48 12.57 1.03
CA TYR B 266 0.16 13.75 1.66
C TYR B 266 1.35 13.37 2.58
N SER B 267 1.47 12.10 2.97
CA SER B 267 2.55 11.67 3.87
C SER B 267 3.33 10.50 3.26
N PRO B 268 4.65 10.42 3.54
CA PRO B 268 5.32 9.17 3.23
C PRO B 268 4.71 8.03 4.04
N ILE B 269 4.94 6.79 3.60
CA ILE B 269 4.35 5.63 4.26
C ILE B 269 5.36 4.50 4.32
N GLY B 270 5.39 3.81 5.45
CA GLY B 270 6.21 2.61 5.62
C GLY B 270 5.38 1.45 6.10
N GLY B 271 6.00 0.30 6.31
CA GLY B 271 5.29 -0.85 6.81
C GLY B 271 4.19 -1.33 5.88
N GLY B 272 3.10 -1.83 6.45
CA GLY B 272 2.06 -2.51 5.68
C GLY B 272 0.65 -2.28 6.22
N ALA B 273 -0.24 -3.21 5.91
CA ALA B 273 -1.68 -3.04 6.16
C ALA B 273 -2.05 -3.09 7.64
N GLN B 274 -3.09 -2.35 8.00
CA GLN B 274 -3.65 -2.45 9.35
C GLN B 274 -4.65 -3.59 9.48
N SER B 275 -5.56 -3.68 8.51
CA SER B 275 -6.61 -4.66 8.57
C SER B 275 -6.02 -6.04 8.44
N SER B 276 -6.64 -6.98 9.16
CA SER B 276 -6.24 -8.39 9.24
C SER B 276 -5.42 -8.63 10.51
N LYS B 277 -5.00 -7.55 11.16
CA LYS B 277 -3.99 -7.63 12.23
C LYS B 277 -4.48 -7.19 13.60
N ASP B 278 -3.95 -7.83 14.64
CA ASP B 278 -4.17 -7.36 15.99
C ASP B 278 -3.21 -6.20 16.31
N TYR B 279 -3.37 -5.67 17.51
CA TYR B 279 -2.67 -4.45 17.94
C TYR B 279 -1.18 -4.62 18.19
N THR B 280 -0.70 -5.86 18.27
CA THR B 280 0.71 -6.12 18.54
C THR B 280 1.65 -5.82 17.36
N LYS B 281 1.07 -5.60 16.19
CA LYS B 281 1.84 -5.26 14.98
C LYS B 281 1.98 -3.76 14.92
N VAL B 282 3.19 -3.30 14.62
CA VAL B 282 3.51 -1.86 14.61
C VAL B 282 2.81 -1.15 13.45
N ASP B 283 2.31 -1.92 12.50
CA ASP B 283 1.53 -1.36 11.39
C ASP B 283 0.26 -0.69 11.89
N ARG B 284 -0.25 -1.21 13.00
CA ARG B 284 -1.37 -0.63 13.72
C ARG B 284 -0.85 0.38 14.75
N SER B 285 -0.06 -0.09 15.72
CA SER B 285 0.31 0.76 16.88
C SER B 285 1.13 2.00 16.49
N GLY B 286 2.04 1.84 15.53
CA GLY B 286 2.85 2.94 15.06
C GLY B 286 2.07 4.01 14.30
N LEU B 287 1.11 3.57 13.49
CA LEU B 287 0.27 4.51 12.76
C LEU B 287 -0.58 5.32 13.75
N TYR B 288 -1.21 4.60 14.67
CA TYR B 288 -2.08 5.26 15.65
C TYR B 288 -1.32 6.19 16.58
N ALA B 289 -0.17 5.74 17.11
CA ALA B 289 0.64 6.62 17.94
C ALA B 289 1.19 7.81 17.16
N GLY B 290 1.57 7.60 15.91
CA GLY B 290 2.19 8.62 15.10
C GLY B 290 1.17 9.70 14.81
N ARG B 291 -0.04 9.27 14.52
CA ARG B 291 -1.17 10.16 14.17
C ARG B 291 -1.57 10.98 15.40
N TRP B 292 -1.67 10.32 16.55
CA TRP B 292 -2.01 10.95 17.82
C TRP B 292 -1.04 12.08 18.13
N LEU B 293 0.26 11.80 18.03
CA LEU B 293 1.28 12.79 18.26
C LEU B 293 1.17 13.95 17.30
N ALA B 294 1.02 13.67 16.01
CA ALA B 294 0.96 14.72 15.00
C ALA B 294 -0.26 15.61 15.18
N LYS B 295 -1.39 14.99 15.46
CA LYS B 295 -2.67 15.73 15.66
C LYS B 295 -2.58 16.69 16.84
N ASN B 296 -2.07 16.21 17.96
CA ASN B 296 -1.92 17.02 19.17
C ASN B 296 -0.93 18.18 18.96
N ILE B 297 0.12 17.92 18.17
CA ILE B 297 1.11 18.96 17.85
C ILE B 297 0.49 20.10 17.04
N VAL B 298 -0.26 19.80 16.00
CA VAL B 298 -0.92 20.82 15.17
C VAL B 298 -2.06 21.49 15.93
N ALA B 299 -2.81 20.68 16.66
CA ALA B 299 -3.93 21.18 17.47
C ALA B 299 -3.41 22.13 18.54
N ALA B 300 -2.20 21.89 19.05
CA ALA B 300 -1.59 22.79 20.04
C ALA B 300 -1.08 24.10 19.44
N GLY B 301 -0.94 24.15 18.12
CA GLY B 301 -0.44 25.34 17.41
C GLY B 301 1.05 25.39 17.18
N LEU B 302 1.73 24.25 17.30
CA LEU B 302 3.16 24.19 17.12
C LEU B 302 3.60 24.08 15.66
N ALA B 303 2.64 23.75 14.78
CA ALA B 303 2.90 23.57 13.35
C ALA B 303 1.60 23.58 12.57
N LYS B 304 1.67 23.87 11.28
CA LYS B 304 0.47 23.82 10.45
C LYS B 304 0.27 22.41 9.90
N LYS B 305 1.38 21.71 9.66
CA LYS B 305 1.33 20.28 9.42
C LYS B 305 2.61 19.63 9.93
N CYS B 306 2.55 18.34 10.21
CA CYS B 306 3.77 17.62 10.53
C CYS B 306 3.65 16.14 10.33
N ILE B 307 4.83 15.54 10.13
CA ILE B 307 5.00 14.14 9.92
C ILE B 307 5.71 13.65 11.16
N VAL B 308 5.13 12.67 11.84
CA VAL B 308 5.80 12.02 12.97
C VAL B 308 6.26 10.64 12.53
N GLN B 309 7.52 10.33 12.80
CA GLN B 309 8.16 9.10 12.34
C GLN B 309 8.69 8.37 13.55
N LEU B 310 8.16 7.18 13.82
CA LEU B 310 8.69 6.28 14.86
C LEU B 310 9.68 5.32 14.20
N SER B 311 10.83 5.11 14.84
CA SER B 311 11.83 4.14 14.38
C SER B 311 12.04 3.07 15.46
N TYR B 312 12.02 1.81 15.06
CA TYR B 312 12.16 0.70 15.99
C TYR B 312 13.46 -0.07 15.72
N ALA B 313 14.00 -0.70 16.75
CA ALA B 313 15.17 -1.55 16.62
C ALA B 313 14.92 -2.92 17.24
N ILE B 314 15.77 -3.87 16.90
CA ILE B 314 15.68 -5.24 17.42
C ILE B 314 16.21 -5.22 18.85
N GLY B 315 15.44 -5.80 19.77
CA GLY B 315 15.88 -5.91 21.17
C GLY B 315 15.56 -4.72 22.07
N VAL B 316 14.66 -3.84 21.65
CA VAL B 316 14.18 -2.73 22.49
C VAL B 316 12.69 -2.54 22.28
N ALA B 317 11.94 -2.45 23.37
CA ALA B 317 10.51 -2.17 23.32
C ALA B 317 10.28 -0.71 22.94
N LYS B 318 10.96 0.19 23.63
CA LYS B 318 10.90 1.63 23.34
C LYS B 318 11.47 1.92 21.95
N PRO B 319 10.80 2.79 21.16
CA PRO B 319 11.37 3.13 19.86
C PRO B 319 12.77 3.71 20.03
N THR B 320 13.68 3.31 19.16
CA THR B 320 15.04 3.83 19.19
C THR B 320 15.03 5.36 19.00
N SER B 321 14.08 5.87 18.21
CA SER B 321 13.90 7.30 18.05
C SER B 321 12.49 7.65 17.57
N VAL B 322 12.13 8.89 17.79
CA VAL B 322 10.91 9.47 17.24
C VAL B 322 11.33 10.83 16.70
N SER B 323 11.03 11.10 15.44
CA SER B 323 11.42 12.36 14.83
C SER B 323 10.15 13.08 14.36
N VAL B 324 10.09 14.38 14.62
CA VAL B 324 8.99 15.25 14.21
C VAL B 324 9.48 16.18 13.11
N ASP B 325 8.75 16.20 12.01
CA ASP B 325 9.08 17.06 10.88
C ASP B 325 7.89 17.98 10.60
N CYS B 326 8.03 19.24 10.93
CA CYS B 326 6.94 20.21 10.70
C CYS B 326 6.95 20.81 9.29
N MET B 327 7.87 20.33 8.45
CA MET B 327 7.90 20.67 7.02
C MET B 327 7.94 22.18 6.83
N GLY B 328 8.70 22.86 7.68
CA GLY B 328 8.90 24.30 7.60
C GLY B 328 7.79 25.14 8.15
N THR B 329 6.78 24.52 8.78
CA THR B 329 5.63 25.25 9.29
C THR B 329 5.68 25.47 10.81
N ASN B 330 6.88 25.32 11.40
CA ASN B 330 7.08 25.49 12.84
C ASN B 330 6.67 26.89 13.26
N THR B 331 6.06 27.02 14.45
CA THR B 331 5.66 28.33 14.98
C THR B 331 6.49 28.76 16.18
N SER B 332 6.90 27.80 17.01
CA SER B 332 7.49 28.10 18.31
C SER B 332 8.87 27.51 18.50
N VAL B 333 8.99 26.24 18.15
CA VAL B 333 10.19 25.47 18.42
C VAL B 333 10.54 24.69 17.15
N ASN B 334 11.84 24.55 16.91
CA ASN B 334 12.32 23.82 15.75
C ASN B 334 12.12 22.31 15.93
N ASP B 335 12.44 21.56 14.89
CA ASP B 335 12.13 20.13 14.88
C ASP B 335 12.97 19.31 15.87
N ASP B 336 14.19 19.74 16.15
CA ASP B 336 15.05 19.05 17.13
C ASP B 336 14.45 19.08 18.54
N VAL B 337 14.04 20.27 18.96
CA VAL B 337 13.46 20.44 20.29
C VAL B 337 12.15 19.64 20.41
N LEU B 338 11.35 19.66 19.36
CA LEU B 338 10.06 18.97 19.34
C LEU B 338 10.25 17.47 19.42
N SER B 339 11.16 16.94 18.60
CA SER B 339 11.49 15.51 18.64
C SER B 339 11.93 15.10 20.04
N ASP B 340 12.80 15.91 20.63
CA ASP B 340 13.34 15.63 21.98
C ASP B 340 12.22 15.63 23.00
N PHE B 341 11.33 16.62 22.92
CA PHE B 341 10.17 16.66 23.81
C PHE B 341 9.40 15.35 23.72
N VAL B 342 9.12 14.89 22.50
CA VAL B 342 8.26 13.73 22.31
C VAL B 342 8.89 12.50 22.94
N MET B 343 10.18 12.30 22.68
CA MET B 343 10.90 11.13 23.16
C MET B 343 10.98 11.09 24.69
N GLN B 344 11.07 12.27 25.30
CA GLN B 344 11.25 12.36 26.75
C GLN B 344 9.93 12.30 27.52
N ASN B 345 8.81 12.68 26.88
CA ASN B 345 7.51 12.77 27.58
C ASN B 345 6.50 11.67 27.24
N PHE B 346 6.81 10.82 26.26
CA PHE B 346 5.91 9.71 25.92
C PHE B 346 6.74 8.45 25.73
N SER B 347 6.47 7.43 26.53
CA SER B 347 7.20 6.17 26.53
C SER B 347 7.19 5.54 25.15
N LEU B 348 5.98 5.40 24.60
CA LEU B 348 5.74 4.87 23.24
C LEU B 348 6.18 3.42 23.01
N THR B 349 6.32 2.65 24.08
CA THR B 349 6.50 1.20 23.94
C THR B 349 5.19 0.56 23.45
N PRO B 350 5.29 -0.60 22.81
CA PRO B 350 4.06 -1.27 22.39
C PRO B 350 3.00 -1.35 23.50
N ASN B 351 3.41 -1.78 24.69
CA ASN B 351 2.46 -1.89 25.81
C ASN B 351 1.90 -0.55 26.26
N TRP B 352 2.74 0.48 26.25
CA TRP B 352 2.28 1.83 26.63
C TRP B 352 1.23 2.30 25.62
N ILE B 353 1.48 2.06 24.34
CA ILE B 353 0.51 2.47 23.30
C ILE B 353 -0.80 1.68 23.45
N ARG B 354 -0.68 0.36 23.61
CA ARG B 354 -1.82 -0.52 23.91
C ARG B 354 -2.66 0.07 25.03
N ASP B 355 -2.02 0.39 26.15
CA ASP B 355 -2.74 0.89 27.32
C ASP B 355 -3.22 2.33 27.15
N LYS B 356 -2.47 3.13 26.42
CA LYS B 356 -2.87 4.51 26.14
C LYS B 356 -4.20 4.59 25.36
N PHE B 357 -4.33 3.75 24.32
CA PHE B 357 -5.57 3.72 23.51
C PHE B 357 -6.51 2.54 23.80
N HIS B 358 -6.16 1.68 24.75
CA HIS B 358 -6.98 0.48 25.06
C HIS B 358 -7.23 -0.37 23.80
N LEU B 359 -6.15 -0.73 23.13
CA LEU B 359 -6.19 -1.39 21.83
C LEU B 359 -6.57 -2.85 21.95
N ASP B 360 -6.30 -3.43 23.11
CA ASP B 360 -6.67 -4.82 23.38
C ASP B 360 -8.12 -4.96 23.87
N LYS B 361 -8.88 -3.87 23.91
CA LYS B 361 -10.22 -3.88 24.50
C LYS B 361 -11.23 -3.20 23.56
N PRO B 362 -11.35 -3.68 22.31
CA PRO B 362 -12.36 -3.05 21.45
C PRO B 362 -13.76 -3.33 21.95
N SER B 363 -14.63 -2.33 21.84
CA SER B 363 -16.00 -2.45 22.30
C SER B 363 -16.87 -1.41 21.60
N LYS B 364 -18.16 -1.67 21.55
CA LYS B 364 -19.11 -0.75 20.89
C LYS B 364 -19.15 0.63 21.56
N GLU B 365 -18.77 0.72 22.83
CA GLU B 365 -18.79 2.03 23.51
C GLU B 365 -17.46 2.78 23.44
N THR B 366 -16.43 2.16 22.86
CA THR B 366 -15.14 2.82 22.67
C THR B 366 -14.82 2.87 21.17
N PHE B 367 -14.25 1.80 20.62
CA PHE B 367 -14.06 1.68 19.18
C PHE B 367 -14.09 0.21 18.81
N LEU B 368 -14.45 -0.06 17.56
CA LEU B 368 -14.39 -1.42 17.02
C LEU B 368 -13.48 -1.43 15.79
N TYR B 369 -12.67 -2.47 15.67
CA TYR B 369 -11.76 -2.55 14.54
C TYR B 369 -12.52 -2.64 13.21
N ALA B 370 -13.70 -3.27 13.20
CA ALA B 370 -14.51 -3.42 11.98
C ALA B 370 -15.07 -2.05 11.57
N ASP B 371 -15.36 -1.24 12.58
CA ASP B 371 -15.85 0.09 12.35
C ASP B 371 -14.72 0.95 11.77
N VAL B 372 -13.53 0.89 12.36
CA VAL B 372 -12.41 1.68 11.83
C VAL B 372 -12.03 1.22 10.41
N ALA B 373 -12.23 -0.07 10.12
CA ALA B 373 -11.88 -0.63 8.82
C ALA B 373 -12.79 0.01 7.75
N ALA B 374 -14.03 0.22 8.14
CA ALA B 374 -15.03 0.81 7.25
C ALA B 374 -14.88 2.31 7.05
N ARG B 375 -14.41 3.04 8.06
CA ARG B 375 -14.43 4.52 8.04
C ARG B 375 -13.08 5.21 7.80
N GLY B 376 -11.98 4.47 7.85
CA GLY B 376 -10.65 5.05 7.76
C GLY B 376 -9.91 4.81 9.05
N GLN B 377 -8.62 4.50 8.97
CA GLN B 377 -7.83 4.27 10.17
C GLN B 377 -7.55 5.51 11.02
N VAL B 378 -7.71 6.68 10.40
CA VAL B 378 -7.33 7.93 10.98
C VAL B 378 -8.43 8.88 10.56
N GLY B 379 -8.58 9.98 11.29
CA GLY B 379 -9.37 11.11 10.82
C GLY B 379 -10.80 11.17 11.30
N GLN B 380 -11.17 10.35 12.29
CA GLN B 380 -12.54 10.42 12.85
C GLN B 380 -12.46 10.78 14.31
N LYS B 381 -13.33 11.70 14.73
CA LYS B 381 -13.21 12.36 16.03
C LYS B 381 -13.24 11.39 17.22
N ASP B 382 -13.99 10.31 17.06
CA ASP B 382 -14.30 9.39 18.16
C ASP B 382 -13.24 8.33 18.47
N TYR B 383 -12.29 8.10 17.56
CA TYR B 383 -11.23 7.13 17.84
C TYR B 383 -10.32 7.63 18.98
N PRO B 384 -9.78 6.71 19.80
CA PRO B 384 -8.87 7.07 20.92
C PRO B 384 -7.55 7.76 20.50
N TRP B 385 -6.99 7.32 19.37
CA TRP B 385 -5.78 7.96 18.87
C TRP B 385 -6.08 9.26 18.11
N GLU B 386 -7.34 9.72 18.16
CA GLU B 386 -7.71 11.02 17.61
C GLU B 386 -8.12 12.00 18.72
N LYS B 387 -7.96 11.58 19.97
CA LYS B 387 -8.29 12.39 21.13
C LYS B 387 -7.14 13.36 21.39
N LEU B 388 -7.50 14.59 21.74
CA LEU B 388 -6.54 15.65 21.97
C LEU B 388 -6.16 15.76 23.44
N ASP B 389 -5.82 14.62 24.04
CA ASP B 389 -5.54 14.53 25.48
C ASP B 389 -4.05 14.73 25.82
N ALA B 390 -3.24 15.11 24.83
CA ALA B 390 -1.90 15.58 25.12
C ALA B 390 -1.76 17.08 24.88
N LEU B 391 -2.88 17.78 24.66
CA LEU B 391 -2.79 19.19 24.31
C LEU B 391 -2.14 20.05 25.39
N GLU B 392 -2.49 19.85 26.67
CA GLU B 392 -1.86 20.62 27.74
C GLU B 392 -0.34 20.39 27.82
N GLN B 393 0.13 19.16 27.64
CA GLN B 393 1.56 18.89 27.65
CA GLN B 393 1.56 18.88 27.64
C GLN B 393 2.27 19.62 26.50
N PHE B 394 1.72 19.59 25.29
CA PHE B 394 2.33 20.33 24.17
C PHE B 394 2.24 21.86 24.30
N LYS B 395 1.19 22.38 24.94
CA LYS B 395 1.04 23.83 25.09
C LYS B 395 2.14 24.49 25.93
N LYS B 396 2.84 23.70 26.75
CA LYS B 396 4.00 24.17 27.52
C LYS B 396 5.20 24.61 26.64
N LEU B 397 5.19 24.18 25.38
CA LEU B 397 6.20 24.63 24.42
C LEU B 397 5.82 25.94 23.75
N LEU B 398 4.57 26.38 23.96
CA LEU B 398 3.88 27.44 23.18
C LEU B 398 3.25 26.88 21.91
#